data_2HCK
#
_entry.id   2HCK
#
_cell.length_a   73.500
_cell.length_b   93.300
_cell.length_c   176.900
_cell.angle_alpha   90.00
_cell.angle_beta   90.00
_cell.angle_gamma   90.00
#
_symmetry.space_group_name_H-M   'P 21 21 21'
#
loop_
_entity.id
_entity.type
_entity.pdbx_description
1 polymer 'HEMATOPOETIC CELL KINASE HCK'
2 non-polymer 'CALCIUM ION'
3 non-polymer "3,5,7,3',4'-PENTAHYDROXYFLAVONE"
4 water water
#
_entity_poly.entity_id   1
_entity_poly.type   'polypeptide(L)'
_entity_poly.pdbx_seq_one_letter_code
;EDIIVVALYDYEAIHHEDLSFQKGDQMVVLEESGEWWKARSLATRKEGYIPSNYVARVDSLETEEWFFKGISRKDAERQL
LAPGNMLGSFMIRDSETTKGSYSLSVRDYDPRQGDTVKHYKIRTLDNGGFYISPRSTFSTLQELVDHYKKGNDGLCQKLS
VPCMSSKPQKPWEKDAWEIPRESLKLEKKLGAGQFGEVWMATYNKHTKVAVKTMKPGSMSVEAFLAEANVMKTLQHDKLV
KLHAVVTKEPIYIITEFMAKGSLLDFLKSDEGSKQPLPKLIDFSAQIAEGMAFIEQRNYIHRDLRAANILVSASLVCKIA
DFGLARVGAKFPIKWTAPEAINFGSFTIKSDVWSFGILLMEIVTYGRIPYPGMSNPEVIRALERGYRMPRPENCPEELYN
IMMRCWKNRPEERPTFEYIQSVLDDFYTATESQ(PTR)QQQP
;
_entity_poly.pdbx_strand_id   A,B
#
# COMPACT_ATOMS: atom_id res chain seq x y z
N GLU A 1 42.13 23.51 12.76
CA GLU A 1 42.40 24.01 11.42
C GLU A 1 41.24 24.97 11.07
N ASP A 2 40.91 25.40 9.83
CA ASP A 2 39.74 26.27 9.49
C ASP A 2 38.86 25.47 8.48
N ILE A 3 37.60 25.79 8.13
CA ILE A 3 36.81 24.81 7.36
C ILE A 3 36.98 24.91 5.84
N ILE A 4 37.63 23.90 5.28
CA ILE A 4 37.90 23.77 3.84
C ILE A 4 37.01 22.74 3.10
N VAL A 5 36.21 23.24 2.17
CA VAL A 5 35.25 22.48 1.39
C VAL A 5 35.75 22.25 -0.02
N VAL A 6 35.00 21.53 -0.86
CA VAL A 6 35.49 21.25 -2.20
C VAL A 6 34.48 21.30 -3.37
N ALA A 7 34.95 21.85 -4.47
CA ALA A 7 34.14 21.92 -5.66
C ALA A 7 34.00 20.52 -6.26
N LEU A 8 32.77 20.03 -6.24
CA LEU A 8 32.34 18.79 -6.90
C LEU A 8 32.16 18.79 -8.42
N TYR A 9 31.70 19.92 -8.92
CA TYR A 9 31.42 20.09 -10.33
C TYR A 9 31.94 21.49 -10.61
N ASP A 10 32.08 21.84 -11.88
CA ASP A 10 32.50 23.17 -12.24
C ASP A 10 31.36 24.16 -12.03
N TYR A 11 31.63 25.38 -11.57
CA TYR A 11 30.63 26.42 -11.49
C TYR A 11 31.20 27.57 -12.31
N GLU A 12 30.36 28.22 -13.12
CA GLU A 12 30.67 29.33 -14.04
C GLU A 12 30.05 30.50 -13.30
N ALA A 13 30.83 31.42 -12.76
CA ALA A 13 30.26 32.56 -12.06
C ALA A 13 29.35 33.33 -12.99
N ILE A 14 28.13 33.73 -12.64
CA ILE A 14 27.22 34.46 -13.53
C ILE A 14 26.37 35.56 -12.83
N HIS A 15 26.75 35.98 -11.63
CA HIS A 15 26.05 37.01 -10.83
C HIS A 15 27.17 37.88 -10.34
N HIS A 16 26.89 39.01 -9.70
CA HIS A 16 27.97 39.93 -9.33
C HIS A 16 29.21 39.42 -8.61
N GLU A 17 28.99 38.84 -7.42
CA GLU A 17 30.06 38.36 -6.55
C GLU A 17 30.32 36.84 -6.55
N ASP A 18 29.61 35.97 -7.28
CA ASP A 18 29.80 34.53 -7.12
C ASP A 18 31.09 34.07 -7.77
N LEU A 19 31.64 32.94 -7.39
CA LEU A 19 32.95 32.59 -7.86
C LEU A 19 32.96 31.52 -8.88
N SER A 20 34.00 31.58 -9.66
CA SER A 20 34.16 30.47 -10.52
C SER A 20 35.17 29.54 -9.90
N PHE A 21 34.88 28.28 -10.17
CA PHE A 21 35.69 27.15 -9.78
C PHE A 21 35.46 25.93 -10.67
N GLN A 22 36.59 25.27 -10.90
CA GLN A 22 36.69 23.99 -11.62
C GLN A 22 36.40 22.89 -10.57
N LYS A 23 36.36 21.59 -10.94
CA LYS A 23 36.19 20.48 -9.99
C LYS A 23 37.58 20.29 -9.38
N GLY A 24 37.74 19.96 -8.10
CA GLY A 24 39.08 19.77 -7.53
C GLY A 24 39.64 21.02 -6.82
N ASP A 25 39.00 22.14 -7.10
CA ASP A 25 39.29 23.39 -6.45
C ASP A 25 38.89 23.25 -4.98
N GLN A 26 39.73 23.67 -4.04
CA GLN A 26 39.31 23.66 -2.65
C GLN A 26 38.96 25.09 -2.29
N MET A 27 38.21 25.34 -1.24
CA MET A 27 37.69 26.67 -0.98
C MET A 27 37.59 26.81 0.49
N VAL A 28 37.53 27.97 1.12
CA VAL A 28 37.34 28.04 2.56
C VAL A 28 36.03 28.74 2.76
N VAL A 29 35.26 28.34 3.74
CA VAL A 29 33.95 28.95 3.90
C VAL A 29 33.91 30.04 4.98
N LEU A 30 33.21 31.12 4.75
CA LEU A 30 33.23 32.21 5.69
C LEU A 30 31.84 32.62 6.13
N GLU A 31 30.80 32.24 5.40
CA GLU A 31 29.46 32.59 5.80
C GLU A 31 28.66 31.42 5.26
N GLU A 32 27.89 30.77 6.12
CA GLU A 32 26.96 29.75 5.73
C GLU A 32 25.57 30.39 5.77
N SER A 33 25.22 31.24 4.83
CA SER A 33 23.95 31.94 4.84
C SER A 33 23.03 31.30 3.80
N GLY A 34 22.80 30.00 3.97
CA GLY A 34 21.88 29.33 3.08
C GLY A 34 22.48 28.80 1.79
N GLU A 35 21.79 28.99 0.68
CA GLU A 35 22.20 28.34 -0.56
C GLU A 35 23.52 28.84 -1.11
N TRP A 36 23.96 30.00 -0.64
CA TRP A 36 25.20 30.58 -1.09
C TRP A 36 26.04 30.83 0.12
N TRP A 37 27.26 30.28 0.10
CA TRP A 37 28.23 30.45 1.17
C TRP A 37 29.39 31.36 0.79
N LYS A 38 29.97 32.21 1.65
CA LYS A 38 31.06 33.07 1.16
C LYS A 38 32.39 32.31 1.22
N ALA A 39 32.97 32.00 0.07
CA ALA A 39 34.15 31.18 0.05
C ALA A 39 35.32 31.89 -0.58
N ARG A 40 36.50 31.37 -0.35
CA ARG A 40 37.70 31.95 -0.88
C ARG A 40 38.27 30.81 -1.62
N SER A 41 38.46 30.91 -2.91
CA SER A 41 39.07 29.80 -3.57
C SER A 41 40.48 29.78 -3.09
N LEU A 42 40.83 28.64 -2.58
CA LEU A 42 42.19 28.28 -2.24
C LEU A 42 42.99 28.40 -3.54
N ALA A 43 42.32 28.11 -4.67
CA ALA A 43 42.89 28.11 -6.02
C ALA A 43 43.08 29.45 -6.79
N THR A 44 42.29 30.47 -6.41
CA THR A 44 42.37 31.75 -7.09
C THR A 44 42.80 32.81 -6.13
N ARG A 45 42.61 32.54 -4.85
CA ARG A 45 42.75 33.51 -3.78
C ARG A 45 41.63 34.52 -3.80
N LYS A 46 40.73 34.46 -4.76
CA LYS A 46 39.68 35.45 -4.81
C LYS A 46 38.65 35.02 -3.78
N GLU A 47 38.00 35.90 -3.04
CA GLU A 47 36.89 35.55 -2.13
C GLU A 47 35.63 35.82 -2.97
N GLY A 48 34.43 35.59 -2.43
CA GLY A 48 33.20 35.84 -3.16
C GLY A 48 32.21 34.80 -2.72
N TYR A 49 31.19 34.42 -3.49
CA TYR A 49 30.22 33.45 -3.00
C TYR A 49 30.28 32.17 -3.80
N ILE A 50 29.82 31.13 -3.13
CA ILE A 50 29.80 29.78 -3.64
C ILE A 50 28.35 29.19 -3.60
N PRO A 51 27.95 28.33 -4.55
CA PRO A 51 26.75 27.50 -4.41
C PRO A 51 26.92 26.31 -3.43
N SER A 52 26.28 26.25 -2.24
CA SER A 52 26.58 25.19 -1.28
C SER A 52 26.37 23.81 -1.82
N ASN A 53 25.42 23.64 -2.73
CA ASN A 53 25.23 22.34 -3.33
C ASN A 53 26.25 22.03 -4.44
N TYR A 54 27.40 22.67 -4.57
CA TYR A 54 28.40 22.21 -5.52
C TYR A 54 29.61 21.79 -4.70
N VAL A 55 29.58 22.05 -3.42
CA VAL A 55 30.71 21.77 -2.59
C VAL A 55 30.25 20.80 -1.54
N ALA A 56 31.22 20.19 -0.89
CA ALA A 56 31.02 19.29 0.25
C ALA A 56 32.25 19.41 1.15
N ARG A 57 32.24 19.03 2.43
CA ARG A 57 33.44 19.11 3.29
C ARG A 57 34.47 18.07 2.75
N VAL A 58 35.79 18.31 2.67
CA VAL A 58 36.73 17.39 1.99
C VAL A 58 36.93 16.05 2.66
N ASP A 59 37.04 15.08 1.74
CA ASP A 59 37.17 13.65 1.98
C ASP A 59 36.01 13.00 2.74
N SER A 60 34.89 13.72 2.96
CA SER A 60 33.67 13.16 3.53
C SER A 60 32.93 12.48 2.39
N LEU A 61 32.04 11.55 2.70
CA LEU A 61 31.34 10.66 1.76
C LEU A 61 31.20 11.02 0.28
N GLU A 62 30.44 12.10 0.15
CA GLU A 62 29.91 12.64 -1.08
C GLU A 62 30.93 12.75 -2.19
N THR A 63 32.12 13.10 -1.72
CA THR A 63 33.31 13.29 -2.52
C THR A 63 33.55 12.17 -3.53
N GLU A 64 33.38 10.97 -2.98
CA GLU A 64 33.74 9.81 -3.70
C GLU A 64 32.67 9.50 -4.74
N GLU A 65 33.02 9.93 -5.95
CA GLU A 65 32.28 9.74 -7.19
C GLU A 65 31.06 8.86 -7.29
N TRP A 66 31.19 7.66 -6.69
CA TRP A 66 30.20 6.59 -6.67
C TRP A 66 29.10 6.68 -5.62
N PHE A 67 29.24 7.65 -4.74
CA PHE A 67 28.26 7.80 -3.72
C PHE A 67 27.31 8.85 -4.17
N PHE A 68 26.00 8.64 -4.04
CA PHE A 68 25.02 9.67 -4.35
C PHE A 68 24.12 10.09 -3.16
N LYS A 69 24.15 11.30 -2.56
CA LYS A 69 23.45 11.56 -1.29
C LYS A 69 21.93 11.58 -1.09
N GLY A 70 21.09 12.61 -1.35
CA GLY A 70 19.67 12.59 -0.96
C GLY A 70 18.71 11.78 -1.85
N ILE A 71 19.17 10.63 -2.34
CA ILE A 71 18.41 9.81 -3.27
C ILE A 71 17.41 8.91 -2.57
N SER A 72 16.24 8.80 -3.20
CA SER A 72 15.25 7.88 -2.73
C SER A 72 15.53 6.58 -3.48
N ARG A 73 14.86 5.47 -3.21
CA ARG A 73 15.21 4.26 -3.93
C ARG A 73 14.74 4.22 -5.39
N LYS A 74 13.65 4.95 -5.68
CA LYS A 74 13.20 5.03 -7.02
C LYS A 74 14.03 6.03 -7.75
N ASP A 75 14.39 7.16 -7.15
CA ASP A 75 15.20 8.13 -7.88
C ASP A 75 16.52 7.54 -8.31
N ALA A 76 16.97 6.62 -7.48
CA ALA A 76 18.14 5.85 -7.82
C ALA A 76 17.88 5.03 -9.07
N GLU A 77 16.76 4.31 -9.07
CA GLU A 77 16.37 3.50 -10.19
C GLU A 77 16.28 4.44 -11.39
N ARG A 78 15.44 5.48 -11.47
CA ARG A 78 15.37 6.35 -12.64
C ARG A 78 16.73 6.86 -13.12
N GLN A 79 17.57 7.33 -12.20
CA GLN A 79 18.87 7.83 -12.57
C GLN A 79 19.80 6.87 -13.28
N LEU A 80 19.82 5.62 -12.86
CA LEU A 80 20.66 4.63 -13.54
C LEU A 80 20.06 4.23 -14.88
N LEU A 81 18.74 4.32 -14.94
CA LEU A 81 18.02 4.02 -16.14
C LEU A 81 18.07 5.16 -17.13
N ALA A 82 18.85 6.21 -16.79
CA ALA A 82 19.24 7.30 -17.67
C ALA A 82 20.18 6.68 -18.71
N PRO A 83 20.14 7.14 -19.97
CA PRO A 83 21.07 6.70 -21.02
C PRO A 83 22.51 7.10 -20.65
N GLY A 84 23.49 6.35 -21.19
CA GLY A 84 24.90 6.63 -20.93
C GLY A 84 25.41 5.75 -19.80
N ASN A 85 24.55 5.27 -18.90
CA ASN A 85 24.98 4.32 -17.91
C ASN A 85 25.02 3.02 -18.71
N MET A 86 25.60 1.97 -18.17
CA MET A 86 25.74 0.67 -18.82
C MET A 86 25.35 -0.43 -17.84
N LEU A 87 25.49 -1.68 -18.26
CA LEU A 87 25.20 -2.80 -17.40
C LEU A 87 26.35 -2.94 -16.43
N GLY A 88 25.99 -2.92 -15.16
CA GLY A 88 26.98 -2.96 -14.13
C GLY A 88 27.09 -1.58 -13.57
N SER A 89 26.65 -0.54 -14.27
CA SER A 89 26.68 0.81 -13.75
C SER A 89 26.08 0.77 -12.36
N PHE A 90 26.59 1.56 -11.43
CA PHE A 90 26.12 1.47 -10.05
C PHE A 90 26.21 2.76 -9.23
N MET A 91 25.91 2.64 -7.94
CA MET A 91 26.08 3.71 -7.00
C MET A 91 25.73 3.18 -5.64
N ILE A 92 26.08 3.95 -4.64
CA ILE A 92 25.86 3.61 -3.26
C ILE A 92 25.10 4.81 -2.81
N ARG A 93 24.31 4.71 -1.77
CA ARG A 93 23.47 5.83 -1.43
C ARG A 93 22.99 5.64 -0.03
N ASP A 94 22.09 6.58 0.28
CA ASP A 94 21.38 6.67 1.54
C ASP A 94 20.09 5.88 1.56
N SER A 95 20.11 4.79 2.35
CA SER A 95 18.97 3.94 2.51
C SER A 95 17.85 4.81 2.99
N GLU A 96 16.73 4.79 2.30
CA GLU A 96 15.61 5.54 2.76
C GLU A 96 14.76 4.74 3.72
N THR A 97 14.88 3.41 3.88
CA THR A 97 14.09 2.73 4.89
C THR A 97 14.87 2.60 6.19
N THR A 98 15.97 1.83 6.16
CA THR A 98 16.76 1.71 7.37
C THR A 98 17.71 2.93 7.45
N LYS A 99 17.25 4.01 8.08
CA LYS A 99 18.00 5.25 8.19
C LYS A 99 19.41 5.21 8.82
N GLY A 100 20.25 6.22 8.59
CA GLY A 100 21.63 6.21 9.04
C GLY A 100 22.46 5.14 8.33
N SER A 101 21.88 4.27 7.51
CA SER A 101 22.58 3.15 6.90
C SER A 101 22.69 3.35 5.38
N TYR A 102 23.29 2.41 4.61
CA TYR A 102 23.54 2.61 3.19
C TYR A 102 23.04 1.42 2.32
N SER A 103 22.86 1.61 1.00
CA SER A 103 22.24 0.63 0.11
C SER A 103 22.97 0.63 -1.22
N LEU A 104 22.81 -0.33 -2.11
CA LEU A 104 23.56 -0.37 -3.34
C LEU A 104 22.68 -0.62 -4.54
N SER A 105 22.82 0.18 -5.56
CA SER A 105 21.98 0.00 -6.72
C SER A 105 22.85 -0.38 -7.90
N VAL A 106 22.46 -1.49 -8.56
CA VAL A 106 23.23 -2.06 -9.66
C VAL A 106 22.30 -2.27 -10.83
N ARG A 107 22.77 -1.81 -12.00
CA ARG A 107 22.07 -1.95 -13.27
C ARG A 107 22.24 -3.41 -13.76
N ASP A 108 21.21 -4.06 -14.29
CA ASP A 108 21.20 -5.43 -14.73
C ASP A 108 20.25 -5.53 -15.93
N TYR A 109 19.94 -6.68 -16.57
CA TYR A 109 18.90 -6.87 -17.62
C TYR A 109 18.26 -8.23 -17.26
N ASP A 110 16.93 -8.37 -17.35
CA ASP A 110 16.22 -9.63 -17.01
C ASP A 110 14.94 -9.96 -17.81
N PRO A 111 15.06 -10.83 -18.84
CA PRO A 111 14.63 -10.61 -20.23
C PRO A 111 13.24 -10.07 -20.55
N ARG A 112 12.30 -10.34 -19.62
CA ARG A 112 10.88 -9.95 -19.67
C ARG A 112 10.69 -8.50 -19.18
N GLN A 113 11.68 -7.67 -19.51
CA GLN A 113 11.81 -6.27 -19.17
C GLN A 113 13.18 -5.95 -19.76
N GLY A 114 13.38 -4.70 -20.19
CA GLY A 114 14.65 -4.30 -20.76
C GLY A 114 15.72 -4.21 -19.69
N ASP A 115 16.47 -3.11 -19.70
CA ASP A 115 17.49 -2.92 -18.67
C ASP A 115 16.76 -2.75 -17.34
N THR A 116 17.35 -3.12 -16.21
CA THR A 116 16.70 -2.94 -14.94
C THR A 116 17.67 -2.62 -13.80
N VAL A 117 17.17 -2.32 -12.60
CA VAL A 117 18.01 -1.96 -11.48
C VAL A 117 17.53 -2.79 -10.29
N LYS A 118 18.57 -3.36 -9.70
CA LYS A 118 18.49 -4.15 -8.50
C LYS A 118 19.14 -3.37 -7.40
N HIS A 119 18.76 -3.65 -6.17
CA HIS A 119 19.29 -2.95 -5.04
C HIS A 119 19.69 -3.96 -3.99
N TYR A 120 20.75 -3.69 -3.27
CA TYR A 120 21.26 -4.62 -2.27
C TYR A 120 21.43 -3.81 -1.02
N LYS A 121 21.14 -4.47 0.08
CA LYS A 121 21.18 -3.75 1.33
C LYS A 121 22.60 -3.90 1.82
N ILE A 122 23.06 -2.84 2.49
CA ILE A 122 24.41 -2.78 3.04
C ILE A 122 24.07 -2.49 4.48
N ARG A 123 24.69 -3.34 5.30
CA ARG A 123 24.50 -3.29 6.74
C ARG A 123 25.87 -3.06 7.43
N THR A 124 25.73 -2.34 8.54
CA THR A 124 26.78 -1.74 9.37
C THR A 124 26.51 -2.05 10.89
N LEU A 125 27.46 -2.54 11.73
CA LEU A 125 27.29 -2.81 13.19
C LEU A 125 27.85 -1.77 14.23
N ASP A 126 29.21 -1.67 14.25
CA ASP A 126 30.02 -0.85 15.16
C ASP A 126 31.28 -0.46 14.36
N ASN A 127 32.39 0.05 14.90
CA ASN A 127 33.55 0.43 14.06
C ASN A 127 34.43 -0.68 13.41
N GLY A 128 33.87 -1.81 12.91
CA GLY A 128 34.65 -2.90 12.29
C GLY A 128 34.53 -3.04 10.76
N GLY A 129 33.45 -2.52 10.17
CA GLY A 129 33.18 -2.60 8.74
C GLY A 129 31.68 -2.50 8.44
N PHE A 130 31.30 -2.99 7.26
CA PHE A 130 29.94 -3.00 6.74
C PHE A 130 29.98 -4.12 5.69
N TYR A 131 28.84 -4.66 5.25
CA TYR A 131 28.83 -5.73 4.27
C TYR A 131 27.52 -5.76 3.51
N ILE A 132 27.55 -6.58 2.47
CA ILE A 132 26.33 -6.97 1.81
C ILE A 132 26.29 -8.49 1.94
N SER A 133 27.24 -9.29 1.43
CA SER A 133 27.27 -10.74 1.63
C SER A 133 27.92 -11.05 2.99
N PRO A 134 27.68 -12.08 3.83
CA PRO A 134 28.49 -12.32 5.03
C PRO A 134 29.85 -12.89 4.67
N ARG A 135 29.93 -13.54 3.51
CA ARG A 135 31.17 -14.16 3.09
C ARG A 135 32.38 -13.30 2.68
N SER A 136 32.37 -12.00 2.98
CA SER A 136 33.49 -11.06 2.83
C SER A 136 33.07 -9.79 3.62
N THR A 137 33.89 -9.05 4.39
CA THR A 137 33.42 -7.83 5.11
C THR A 137 34.44 -6.70 4.93
N PHE A 138 33.97 -5.43 4.89
CA PHE A 138 34.81 -4.30 4.54
C PHE A 138 34.58 -3.05 5.39
N SER A 139 35.59 -2.33 5.91
CA SER A 139 35.45 -1.01 6.55
C SER A 139 35.80 0.08 5.49
N THR A 140 36.72 -0.35 4.62
CA THR A 140 37.19 0.33 3.42
C THR A 140 36.04 0.37 2.40
N LEU A 141 35.08 1.29 2.51
CA LEU A 141 33.93 1.29 1.62
C LEU A 141 34.29 1.25 0.15
N GLN A 142 35.34 2.00 -0.17
CA GLN A 142 35.89 2.02 -1.52
C GLN A 142 36.33 0.61 -1.95
N GLU A 143 36.98 -0.17 -1.10
CA GLU A 143 37.44 -1.50 -1.48
C GLU A 143 36.31 -2.48 -1.78
N LEU A 144 35.18 -2.20 -1.11
CA LEU A 144 33.97 -2.98 -1.29
C LEU A 144 33.75 -2.88 -2.79
N VAL A 145 33.72 -1.61 -3.21
CA VAL A 145 33.34 -1.31 -4.57
C VAL A 145 34.37 -1.81 -5.56
N ASP A 146 35.65 -1.66 -5.30
CA ASP A 146 36.63 -2.10 -6.28
C ASP A 146 36.62 -3.61 -6.40
N HIS A 147 36.29 -4.34 -5.32
CA HIS A 147 36.25 -5.81 -5.31
C HIS A 147 35.35 -6.37 -6.42
N TYR A 148 34.12 -5.85 -6.33
CA TYR A 148 32.98 -6.31 -7.10
C TYR A 148 33.04 -5.86 -8.55
N LYS A 149 33.94 -4.91 -8.86
CA LYS A 149 34.20 -4.50 -10.23
C LYS A 149 34.97 -5.57 -11.01
N LYS A 150 35.66 -6.51 -10.34
CA LYS A 150 36.35 -7.60 -11.07
C LYS A 150 35.88 -9.02 -10.80
N GLY A 151 35.31 -9.20 -9.61
CA GLY A 151 34.77 -10.49 -9.20
C GLY A 151 33.29 -10.33 -8.88
N ASN A 152 32.43 -10.82 -9.79
CA ASN A 152 30.97 -10.78 -9.67
C ASN A 152 30.53 -11.76 -8.59
N ASP A 153 30.91 -11.46 -7.36
CA ASP A 153 30.67 -12.37 -6.26
C ASP A 153 29.28 -12.16 -5.69
N GLY A 154 28.36 -12.98 -6.21
CA GLY A 154 27.02 -13.12 -5.64
C GLY A 154 25.99 -12.17 -6.19
N LEU A 155 26.48 -11.05 -6.73
CA LEU A 155 25.65 -10.05 -7.34
C LEU A 155 25.46 -10.50 -8.77
N CYS A 156 24.32 -10.08 -9.28
CA CYS A 156 23.95 -10.37 -10.63
C CYS A 156 24.94 -9.83 -11.65
N GLN A 157 25.73 -8.78 -11.43
CA GLN A 157 26.64 -8.31 -12.46
C GLN A 157 27.95 -7.72 -12.00
N LYS A 158 28.91 -7.82 -12.92
CA LYS A 158 30.24 -7.28 -12.75
C LYS A 158 30.11 -5.77 -12.90
N LEU A 159 30.28 -5.07 -11.75
CA LEU A 159 30.17 -3.61 -11.67
C LEU A 159 31.05 -2.98 -12.74
N SER A 160 30.63 -1.93 -13.39
CA SER A 160 31.52 -1.34 -14.33
C SER A 160 31.86 0.05 -13.83
N VAL A 161 30.96 1.02 -13.94
CA VAL A 161 31.23 2.41 -13.59
C VAL A 161 30.18 3.01 -12.65
N PRO A 162 30.43 4.02 -11.82
CA PRO A 162 29.40 4.81 -11.15
C PRO A 162 28.47 5.50 -12.12
N CYS A 163 27.29 5.80 -11.60
CA CYS A 163 26.25 6.47 -12.36
C CYS A 163 26.65 7.89 -12.70
N MET A 164 26.03 8.37 -13.78
CA MET A 164 26.26 9.71 -14.29
C MET A 164 25.84 10.79 -13.33
N SER A 165 26.77 11.70 -13.06
CA SER A 165 26.51 12.77 -12.12
C SER A 165 25.76 13.93 -12.80
N SER A 166 24.46 14.20 -12.53
CA SER A 166 23.71 15.32 -13.12
C SER A 166 24.03 16.66 -12.45
N LYS A 167 24.63 17.64 -13.16
CA LYS A 167 25.00 18.92 -12.55
C LYS A 167 23.78 19.58 -11.93
N PRO A 168 23.92 20.16 -10.75
CA PRO A 168 22.79 20.67 -10.01
C PRO A 168 22.31 21.92 -10.72
N GLN A 169 21.06 22.29 -10.50
CA GLN A 169 20.60 23.52 -11.11
C GLN A 169 21.25 24.63 -10.29
N LYS A 170 21.78 25.63 -11.00
CA LYS A 170 22.36 26.82 -10.38
C LYS A 170 21.23 27.44 -9.55
N PRO A 171 21.45 27.72 -8.26
CA PRO A 171 20.43 28.27 -7.36
C PRO A 171 19.93 29.67 -7.72
N TRP A 172 18.89 30.23 -7.09
CA TRP A 172 18.45 31.57 -7.47
C TRP A 172 19.37 32.56 -6.77
N GLU A 173 19.54 33.76 -7.33
CA GLU A 173 20.44 34.79 -6.82
C GLU A 173 19.99 35.23 -5.45
N LYS A 174 21.04 35.56 -4.71
CA LYS A 174 20.93 35.96 -3.32
C LYS A 174 19.96 37.15 -3.22
N ASP A 175 18.97 36.97 -2.36
CA ASP A 175 17.98 38.02 -2.06
C ASP A 175 16.96 38.42 -3.13
N ALA A 176 17.11 37.93 -4.37
CA ALA A 176 16.23 38.24 -5.48
C ALA A 176 14.79 37.69 -5.50
N TRP A 177 13.96 37.84 -4.47
CA TRP A 177 12.56 37.37 -4.52
C TRP A 177 11.74 38.44 -5.19
N GLU A 178 11.96 39.67 -4.72
CA GLU A 178 11.22 40.80 -5.22
C GLU A 178 11.87 41.18 -6.54
N ILE A 179 11.21 41.06 -7.68
CA ILE A 179 11.89 41.32 -8.93
C ILE A 179 11.25 42.52 -9.62
N PRO A 180 12.12 43.47 -9.96
CA PRO A 180 11.84 44.48 -10.96
C PRO A 180 11.91 43.93 -12.37
N ARG A 181 10.74 44.03 -13.01
CA ARG A 181 10.45 43.54 -14.33
C ARG A 181 11.49 43.68 -15.43
N GLU A 182 12.35 44.68 -15.32
CA GLU A 182 13.34 44.91 -16.35
C GLU A 182 14.38 43.82 -16.41
N SER A 183 14.46 42.98 -15.38
CA SER A 183 15.42 41.90 -15.39
C SER A 183 15.16 40.87 -16.47
N LEU A 184 13.90 40.92 -16.86
CA LEU A 184 13.28 39.97 -17.73
C LEU A 184 13.09 40.42 -19.15
N LYS A 185 13.29 39.45 -20.03
CA LYS A 185 13.09 39.63 -21.46
C LYS A 185 12.22 38.43 -21.79
N LEU A 186 10.93 38.68 -21.92
CA LEU A 186 9.97 37.60 -22.17
C LEU A 186 9.89 37.25 -23.64
N GLU A 187 10.73 36.31 -24.05
CA GLU A 187 10.94 35.93 -25.42
C GLU A 187 9.94 35.04 -26.20
N LYS A 188 9.13 34.09 -25.70
CA LYS A 188 8.25 33.28 -26.56
C LYS A 188 6.98 33.06 -25.79
N LYS A 189 5.81 33.35 -26.35
CA LYS A 189 4.53 33.06 -25.72
C LYS A 189 4.54 31.54 -25.83
N LEU A 190 4.47 30.92 -24.65
CA LEU A 190 4.42 29.46 -24.50
C LEU A 190 2.99 28.98 -24.41
N GLY A 191 2.09 29.82 -23.88
CA GLY A 191 0.68 29.51 -23.88
C GLY A 191 -0.16 30.58 -23.17
N ALA A 192 -1.45 30.59 -23.60
CA ALA A 192 -2.47 31.38 -22.96
C ALA A 192 -3.15 30.41 -21.96
N GLY A 193 -3.32 30.92 -20.77
CA GLY A 193 -4.14 30.27 -19.77
C GLY A 193 -5.37 31.17 -19.85
N GLN A 194 -6.31 31.01 -18.93
CA GLN A 194 -7.48 31.89 -18.97
C GLN A 194 -7.14 33.24 -18.37
N PHE A 195 -6.33 33.20 -17.33
CA PHE A 195 -6.01 34.41 -16.62
C PHE A 195 -4.56 34.83 -16.83
N GLY A 196 -3.98 34.45 -17.95
CA GLY A 196 -2.58 34.68 -18.09
C GLY A 196 -2.09 34.12 -19.37
N GLU A 197 -0.78 34.07 -19.28
CA GLU A 197 0.09 33.73 -20.37
C GLU A 197 1.30 33.22 -19.69
N VAL A 198 2.00 32.35 -20.38
CA VAL A 198 3.19 31.73 -19.85
C VAL A 198 4.19 32.10 -20.92
N TRP A 199 5.40 32.45 -20.61
CA TRP A 199 6.32 32.89 -21.64
C TRP A 199 7.64 32.32 -21.25
N MET A 200 8.48 31.86 -22.17
CA MET A 200 9.84 31.45 -21.81
C MET A 200 10.60 32.76 -21.62
N ALA A 201 11.68 32.92 -20.90
CA ALA A 201 12.29 34.23 -20.77
C ALA A 201 13.68 34.07 -20.26
N THR A 202 14.28 35.22 -19.96
CA THR A 202 15.61 35.31 -19.40
C THR A 202 15.67 36.32 -18.30
N TYR A 203 16.40 35.94 -17.27
CA TYR A 203 16.70 36.76 -16.13
C TYR A 203 18.15 37.24 -16.20
N ASN A 204 18.25 38.58 -16.35
CA ASN A 204 19.49 39.34 -16.42
C ASN A 204 20.46 38.72 -17.36
N LYS A 205 20.01 38.81 -18.59
CA LYS A 205 20.72 38.33 -19.75
C LYS A 205 21.45 36.99 -19.64
N HIS A 206 21.09 36.02 -18.77
CA HIS A 206 21.80 34.72 -18.71
C HIS A 206 20.94 33.47 -18.38
N THR A 207 20.25 33.66 -17.28
CA THR A 207 19.44 32.66 -16.61
C THR A 207 18.12 32.38 -17.35
N LYS A 208 17.84 31.29 -18.06
CA LYS A 208 16.52 31.09 -18.66
C LYS A 208 15.50 30.86 -17.51
N VAL A 209 14.22 31.20 -17.66
CA VAL A 209 13.25 30.96 -16.60
C VAL A 209 11.96 30.80 -17.34
N ALA A 210 10.85 30.88 -16.65
CA ALA A 210 9.55 30.95 -17.28
C ALA A 210 8.79 31.84 -16.34
N VAL A 211 7.94 32.63 -16.99
CA VAL A 211 7.09 33.63 -16.35
C VAL A 211 5.59 33.45 -16.69
N LYS A 212 4.73 33.56 -15.66
CA LYS A 212 3.28 33.45 -15.83
C LYS A 212 2.87 34.90 -15.62
N THR A 213 2.20 35.48 -16.61
CA THR A 213 1.83 36.89 -16.59
C THR A 213 0.44 36.93 -16.03
N MET A 214 0.11 37.83 -15.10
CA MET A 214 -1.22 37.82 -14.51
C MET A 214 -2.13 39.01 -14.76
N LYS A 215 -3.23 38.77 -15.49
CA LYS A 215 -4.21 39.78 -15.93
C LYS A 215 -4.71 40.76 -14.86
N PRO A 216 -4.70 42.10 -15.03
CA PRO A 216 -4.75 43.04 -13.92
C PRO A 216 -6.11 42.94 -13.23
N GLY A 217 -6.14 42.89 -11.90
CA GLY A 217 -7.38 42.76 -11.16
C GLY A 217 -7.89 41.33 -11.02
N SER A 218 -7.21 40.30 -11.58
CA SER A 218 -7.58 38.89 -11.39
C SER A 218 -7.30 38.42 -9.96
N MET A 219 -6.39 39.12 -9.29
CA MET A 219 -6.11 38.90 -7.89
C MET A 219 -5.49 40.20 -7.38
N SER A 220 -5.73 40.50 -6.10
CA SER A 220 -5.12 41.67 -5.51
C SER A 220 -3.79 41.13 -5.06
N VAL A 221 -2.78 41.92 -5.45
CA VAL A 221 -1.40 41.60 -5.20
C VAL A 221 -1.18 41.09 -3.78
N GLU A 222 -1.88 41.64 -2.78
CA GLU A 222 -1.68 41.25 -1.39
C GLU A 222 -2.00 39.81 -1.10
N ALA A 223 -3.18 39.40 -1.60
CA ALA A 223 -3.70 38.04 -1.42
C ALA A 223 -2.71 37.03 -1.97
N PHE A 224 -2.20 37.46 -3.10
CA PHE A 224 -1.21 36.74 -3.84
C PHE A 224 0.15 36.75 -3.17
N LEU A 225 0.79 37.86 -2.82
CA LEU A 225 2.13 37.82 -2.26
C LEU A 225 2.10 37.03 -0.96
N ALA A 226 0.93 37.01 -0.37
CA ALA A 226 0.65 36.16 0.74
C ALA A 226 0.74 34.69 0.30
N GLU A 227 -0.17 34.15 -0.56
CA GLU A 227 -0.18 32.72 -0.98
C GLU A 227 1.19 32.29 -1.46
N ALA A 228 1.83 33.23 -2.13
CA ALA A 228 3.16 33.10 -2.65
C ALA A 228 4.20 32.97 -1.55
N ASN A 229 4.22 33.72 -0.45
CA ASN A 229 5.23 33.54 0.62
C ASN A 229 5.21 32.14 1.20
N VAL A 230 4.00 31.62 1.13
CA VAL A 230 3.69 30.27 1.52
C VAL A 230 4.27 29.36 0.43
N MET A 231 3.84 29.45 -0.84
CA MET A 231 4.28 28.59 -1.94
C MET A 231 5.79 28.41 -2.07
N LYS A 232 6.62 29.42 -1.79
CA LYS A 232 8.06 29.33 -1.89
C LYS A 232 8.66 28.45 -0.78
N THR A 233 7.84 28.06 0.20
CA THR A 233 8.23 27.20 1.30
C THR A 233 8.21 25.69 0.97
N LEU A 234 7.38 25.30 0.00
CA LEU A 234 7.15 23.92 -0.37
C LEU A 234 8.22 23.34 -1.29
N GLN A 235 9.51 23.47 -1.02
CA GLN A 235 10.51 23.02 -1.98
C GLN A 235 10.71 21.51 -1.99
N HIS A 236 10.47 20.99 -3.18
CA HIS A 236 10.56 19.58 -3.37
C HIS A 236 10.80 19.31 -4.82
N ASP A 237 11.61 18.26 -5.03
CA ASP A 237 11.99 17.88 -6.40
C ASP A 237 10.88 17.84 -7.42
N LYS A 238 9.72 17.30 -7.09
CA LYS A 238 8.66 17.16 -8.07
C LYS A 238 7.58 18.25 -7.94
N LEU A 239 8.01 19.47 -7.65
CA LEU A 239 7.15 20.63 -7.72
C LEU A 239 8.09 21.65 -8.39
N VAL A 240 7.56 22.47 -9.29
CA VAL A 240 8.39 23.34 -10.10
C VAL A 240 8.93 24.58 -9.36
N LYS A 241 10.22 24.69 -8.97
CA LYS A 241 10.74 25.80 -8.18
C LYS A 241 10.19 27.18 -8.53
N LEU A 242 9.45 27.73 -7.56
CA LEU A 242 8.88 29.08 -7.63
C LEU A 242 10.11 29.91 -7.26
N HIS A 243 10.46 30.97 -8.00
CA HIS A 243 11.69 31.73 -7.75
C HIS A 243 11.68 33.19 -7.26
N ALA A 244 10.91 34.03 -7.94
CA ALA A 244 10.80 35.44 -7.65
C ALA A 244 9.50 35.90 -8.27
N VAL A 245 9.12 37.13 -8.04
CA VAL A 245 7.83 37.59 -8.52
C VAL A 245 7.88 39.08 -8.80
N VAL A 246 7.07 39.63 -9.70
CA VAL A 246 7.11 41.06 -9.87
C VAL A 246 5.80 41.56 -9.31
N THR A 247 6.06 42.23 -8.22
CA THR A 247 5.05 42.74 -7.35
C THR A 247 4.07 43.72 -7.96
N LYS A 248 4.56 44.63 -8.80
CA LYS A 248 3.75 45.73 -9.33
C LYS A 248 2.81 45.19 -10.38
N GLU A 249 1.48 45.37 -10.22
CA GLU A 249 0.52 44.86 -11.20
C GLU A 249 0.83 45.28 -12.63
N PRO A 250 0.54 44.53 -13.69
CA PRO A 250 0.16 43.12 -13.65
C PRO A 250 1.25 42.26 -13.02
N ILE A 251 0.95 41.19 -12.34
CA ILE A 251 1.97 40.48 -11.57
C ILE A 251 2.69 39.41 -12.39
N TYR A 252 3.97 39.10 -12.19
CA TYR A 252 4.64 38.04 -12.96
C TYR A 252 5.23 36.99 -12.03
N ILE A 253 5.18 35.67 -12.28
CA ILE A 253 5.73 34.69 -11.34
C ILE A 253 6.87 33.98 -12.06
N ILE A 254 8.01 33.79 -11.44
CA ILE A 254 9.13 33.30 -12.17
C ILE A 254 9.50 32.00 -11.57
N THR A 255 9.12 30.94 -12.28
CA THR A 255 9.34 29.59 -11.83
C THR A 255 10.46 29.00 -12.69
N GLU A 256 10.89 27.76 -12.55
CA GLU A 256 12.05 27.28 -13.31
C GLU A 256 11.64 26.90 -14.71
N PHE A 257 12.51 26.89 -15.71
CA PHE A 257 12.02 26.51 -17.04
C PHE A 257 12.01 24.97 -17.14
N MET A 258 10.97 24.41 -17.74
CA MET A 258 10.80 22.99 -17.88
C MET A 258 10.74 22.79 -19.38
N ALA A 259 11.80 22.15 -19.84
CA ALA A 259 12.03 21.95 -21.26
C ALA A 259 10.97 21.36 -22.18
N LYS A 260 10.27 20.32 -21.76
CA LYS A 260 9.31 19.68 -22.66
C LYS A 260 7.86 20.16 -22.54
N GLY A 261 7.66 21.18 -21.71
CA GLY A 261 6.36 21.83 -21.64
C GLY A 261 5.37 21.20 -20.68
N SER A 262 4.07 21.23 -21.04
CA SER A 262 3.02 20.64 -20.22
C SER A 262 3.00 19.19 -20.64
N LEU A 263 2.57 18.38 -19.70
CA LEU A 263 2.65 16.95 -19.92
C LEU A 263 1.78 16.56 -21.06
N LEU A 264 0.66 17.26 -21.09
CA LEU A 264 -0.34 17.15 -22.12
C LEU A 264 0.27 17.21 -23.53
N ASP A 265 0.82 18.40 -23.81
CA ASP A 265 1.48 18.71 -25.06
C ASP A 265 2.47 17.64 -25.38
N PHE A 266 3.16 17.26 -24.31
CA PHE A 266 4.16 16.23 -24.39
C PHE A 266 3.59 14.89 -24.82
N LEU A 267 2.50 14.37 -24.29
CA LEU A 267 2.05 13.04 -24.70
C LEU A 267 1.45 13.04 -26.11
N LYS A 268 0.91 14.19 -26.50
CA LYS A 268 0.30 14.36 -27.81
C LYS A 268 1.38 14.44 -28.90
N SER A 269 2.60 14.80 -28.43
CA SER A 269 3.76 15.00 -29.28
C SER A 269 4.26 13.73 -29.93
N ASP A 270 5.11 13.78 -30.96
CA ASP A 270 5.53 12.55 -31.61
C ASP A 270 6.21 11.68 -30.61
N GLU A 271 7.15 12.24 -29.88
CA GLU A 271 7.90 11.49 -28.89
C GLU A 271 6.97 11.00 -27.77
N GLY A 272 5.89 11.71 -27.47
CA GLY A 272 4.93 11.24 -26.48
C GLY A 272 4.34 9.91 -26.93
N SER A 273 3.91 9.78 -28.19
CA SER A 273 3.33 8.55 -28.71
C SER A 273 4.26 7.32 -28.66
N LYS A 274 5.55 7.52 -28.44
CA LYS A 274 6.54 6.43 -28.43
C LYS A 274 6.66 5.68 -27.10
N GLN A 275 6.22 6.39 -26.05
CA GLN A 275 6.40 6.03 -24.65
C GLN A 275 5.60 4.85 -24.19
N PRO A 276 6.29 3.81 -23.71
CA PRO A 276 5.68 2.52 -23.39
C PRO A 276 4.99 2.61 -22.03
N LEU A 277 3.92 1.84 -21.79
CA LEU A 277 3.16 1.96 -20.54
C LEU A 277 4.02 2.05 -19.26
N PRO A 278 5.06 1.25 -19.03
CA PRO A 278 5.87 1.37 -17.83
C PRO A 278 6.48 2.73 -17.54
N LYS A 279 6.74 3.49 -18.59
CA LYS A 279 7.29 4.79 -18.38
C LYS A 279 6.10 5.65 -18.03
N LEU A 280 4.98 5.51 -18.71
CA LEU A 280 3.82 6.26 -18.34
C LEU A 280 3.50 6.08 -16.88
N ILE A 281 3.61 4.85 -16.34
CA ILE A 281 3.23 4.66 -14.94
C ILE A 281 4.20 5.42 -14.04
N ASP A 282 5.49 5.38 -14.39
CA ASP A 282 6.53 6.09 -13.69
C ASP A 282 6.15 7.57 -13.70
N PHE A 283 5.44 8.12 -14.70
CA PHE A 283 5.09 9.53 -14.65
C PHE A 283 4.06 9.71 -13.60
N SER A 284 3.01 8.88 -13.62
CA SER A 284 1.98 8.99 -12.61
C SER A 284 2.59 8.79 -11.26
N ALA A 285 3.63 7.96 -11.21
CA ALA A 285 4.32 7.64 -9.99
C ALA A 285 4.88 8.99 -9.62
N GLN A 286 5.49 9.74 -10.54
CA GLN A 286 6.10 11.00 -10.17
C GLN A 286 5.10 12.07 -9.76
N ILE A 287 3.94 12.09 -10.42
CA ILE A 287 2.97 13.10 -10.12
C ILE A 287 2.45 12.72 -8.76
N ALA A 288 2.21 11.45 -8.52
CA ALA A 288 1.66 10.98 -7.27
C ALA A 288 2.58 11.35 -6.16
N GLU A 289 3.87 11.33 -6.48
CA GLU A 289 4.87 11.58 -5.48
C GLU A 289 4.67 12.97 -5.03
N GLY A 290 4.64 13.98 -5.88
CA GLY A 290 4.51 15.36 -5.40
C GLY A 290 3.27 15.64 -4.57
N MET A 291 2.23 14.96 -4.99
CA MET A 291 1.01 15.02 -4.29
C MET A 291 1.15 14.55 -2.87
N ALA A 292 2.00 13.59 -2.62
CA ALA A 292 2.11 13.11 -1.27
C ALA A 292 2.79 14.17 -0.47
N PHE A 293 3.81 14.84 -0.99
CA PHE A 293 4.49 15.88 -0.22
C PHE A 293 3.48 17.03 0.04
N ILE A 294 2.67 17.44 -0.93
CA ILE A 294 1.60 18.41 -0.77
C ILE A 294 0.72 17.92 0.36
N GLU A 295 0.31 16.65 0.39
CA GLU A 295 -0.55 16.08 1.42
C GLU A 295 0.13 16.02 2.77
N GLN A 296 1.43 15.71 2.84
CA GLN A 296 2.21 15.66 4.08
C GLN A 296 2.25 17.05 4.66
N ARG A 297 2.35 18.07 3.81
CA ARG A 297 2.33 19.46 4.24
C ARG A 297 0.89 20.03 4.36
N ASN A 298 -0.13 19.17 4.18
CA ASN A 298 -1.58 19.42 4.34
C ASN A 298 -2.27 20.47 3.46
N TYR A 299 -1.55 20.89 2.43
CA TYR A 299 -2.01 21.92 1.53
C TYR A 299 -2.94 21.28 0.50
N ILE A 300 -3.59 22.04 -0.36
CA ILE A 300 -4.43 21.49 -1.41
C ILE A 300 -4.01 22.28 -2.66
N HIS A 301 -3.85 21.60 -3.79
CA HIS A 301 -3.51 22.23 -5.05
C HIS A 301 -4.87 22.24 -5.72
N ARG A 302 -5.69 23.27 -5.65
CA ARG A 302 -7.08 23.23 -6.10
C ARG A 302 -7.42 22.78 -7.55
N ASP A 303 -6.46 22.42 -8.38
CA ASP A 303 -6.72 22.01 -9.76
C ASP A 303 -5.70 20.92 -10.13
N LEU A 304 -6.00 19.79 -10.79
CA LEU A 304 -4.97 18.84 -11.16
C LEU A 304 -5.39 18.22 -12.45
N ARG A 305 -4.49 18.34 -13.41
CA ARG A 305 -4.63 17.76 -14.73
C ARG A 305 -3.28 17.90 -15.40
N ALA A 306 -3.12 17.14 -16.48
CA ALA A 306 -1.88 17.07 -17.24
C ALA A 306 -1.25 18.43 -17.58
N ALA A 307 -2.23 19.27 -17.85
CA ALA A 307 -1.99 20.64 -18.18
C ALA A 307 -1.13 21.38 -17.18
N ASN A 308 -1.20 21.02 -15.89
CA ASN A 308 -0.46 21.73 -14.86
C ASN A 308 0.69 20.89 -14.31
N ILE A 309 1.14 19.93 -15.16
CA ILE A 309 2.26 19.04 -14.89
C ILE A 309 3.18 19.37 -16.03
N LEU A 310 4.46 19.53 -15.76
CA LEU A 310 5.40 19.95 -16.76
C LEU A 310 6.44 18.91 -16.90
N VAL A 311 7.04 18.75 -18.06
CA VAL A 311 8.02 17.71 -18.21
C VAL A 311 9.31 18.41 -18.51
N SER A 312 10.34 18.04 -17.73
CA SER A 312 11.68 18.59 -17.88
C SER A 312 12.34 18.11 -19.18
N ALA A 313 13.62 18.41 -19.36
CA ALA A 313 14.38 17.92 -20.51
C ALA A 313 14.70 16.45 -20.32
N SER A 314 14.85 16.01 -19.06
CA SER A 314 15.17 14.63 -18.71
C SER A 314 13.93 13.76 -18.46
N LEU A 315 12.72 14.21 -18.81
CA LEU A 315 11.47 13.49 -18.64
C LEU A 315 11.18 13.17 -17.21
N VAL A 316 11.32 14.25 -16.43
CA VAL A 316 11.02 14.31 -14.98
C VAL A 316 9.76 15.14 -14.93
N CYS A 317 8.75 14.72 -14.16
CA CYS A 317 7.49 15.47 -14.12
C CYS A 317 7.37 16.22 -12.81
N LYS A 318 7.12 17.52 -12.90
CA LYS A 318 6.98 18.38 -11.74
C LYS A 318 5.60 19.06 -11.81
N ILE A 319 5.07 19.52 -10.68
CA ILE A 319 3.73 20.10 -10.61
C ILE A 319 3.77 21.63 -10.56
N ALA A 320 2.79 22.28 -11.17
CA ALA A 320 2.80 23.73 -11.25
C ALA A 320 1.48 24.41 -10.95
N ASP A 321 1.53 25.75 -10.71
CA ASP A 321 0.39 26.65 -10.44
C ASP A 321 -0.37 26.03 -9.28
N PHE A 322 0.19 26.00 -8.09
CA PHE A 322 -0.34 25.15 -7.02
C PHE A 322 -1.61 25.72 -6.34
N GLY A 323 -1.60 26.80 -5.56
CA GLY A 323 -2.80 27.32 -4.94
C GLY A 323 -3.26 28.36 -5.92
N LEU A 324 -4.46 28.26 -6.44
CA LEU A 324 -4.88 29.27 -7.40
C LEU A 324 -6.09 30.02 -6.84
N ALA A 325 -5.82 31.13 -6.11
CA ALA A 325 -6.82 32.00 -5.48
C ALA A 325 -7.10 33.27 -6.24
N ARG A 326 -8.13 33.14 -7.09
CA ARG A 326 -8.56 34.13 -8.08
C ARG A 326 -10.05 34.53 -8.03
N VAL A 327 -10.52 35.56 -8.74
CA VAL A 327 -11.92 36.00 -8.69
C VAL A 327 -12.66 36.13 -10.03
N GLY A 328 -13.78 35.40 -10.30
CA GLY A 328 -14.58 35.52 -11.52
C GLY A 328 -15.97 34.92 -11.29
N ALA A 329 -16.97 28.01 -17.59
CA ALA A 329 -17.09 28.18 -19.04
C ALA A 329 -16.28 27.13 -19.82
N LYS A 330 -15.00 27.09 -19.42
CA LYS A 330 -14.06 26.05 -19.79
C LYS A 330 -13.22 25.89 -18.51
N PHE A 331 -13.89 26.08 -17.36
CA PHE A 331 -13.36 25.91 -16.00
C PHE A 331 -13.35 24.41 -15.72
N PRO A 332 -12.31 23.77 -15.16
CA PRO A 332 -12.07 22.33 -14.98
C PRO A 332 -13.04 21.15 -14.68
N ILE A 333 -14.36 21.33 -14.72
CA ILE A 333 -15.38 20.30 -14.55
C ILE A 333 -15.03 18.81 -14.61
N LYS A 334 -14.56 18.27 -15.75
CA LYS A 334 -14.34 16.85 -15.91
C LYS A 334 -13.34 16.27 -14.90
N TRP A 335 -12.37 17.09 -14.49
CA TRP A 335 -11.35 16.72 -13.54
C TRP A 335 -11.78 17.08 -12.12
N THR A 336 -13.03 17.45 -11.91
CA THR A 336 -13.47 17.98 -10.63
C THR A 336 -14.30 16.97 -9.85
N ALA A 337 -13.79 16.72 -8.65
CA ALA A 337 -14.43 15.83 -7.70
C ALA A 337 -15.81 16.40 -7.33
N PRO A 338 -16.83 15.59 -7.06
CA PRO A 338 -18.23 16.04 -6.94
C PRO A 338 -18.58 17.13 -5.90
N GLU A 339 -18.01 17.06 -4.70
CA GLU A 339 -18.25 18.03 -3.62
C GLU A 339 -17.77 19.46 -3.92
N ALA A 340 -16.63 19.50 -4.63
CA ALA A 340 -15.94 20.71 -5.00
C ALA A 340 -16.86 21.51 -5.90
N ILE A 341 -17.45 20.75 -6.84
CA ILE A 341 -18.42 21.26 -7.77
C ILE A 341 -19.55 21.93 -6.99
N ASN A 342 -20.49 21.08 -6.54
CA ASN A 342 -21.77 21.52 -6.01
C ASN A 342 -21.72 22.41 -4.80
N PHE A 343 -20.60 22.46 -4.06
CA PHE A 343 -20.57 23.18 -2.80
C PHE A 343 -19.33 24.03 -2.55
N GLY A 344 -18.38 24.02 -3.47
CA GLY A 344 -17.12 24.71 -3.26
C GLY A 344 -16.34 24.09 -2.11
N SER A 345 -16.45 22.77 -1.85
CA SER A 345 -15.67 22.12 -0.79
C SER A 345 -14.45 21.50 -1.48
N PHE A 346 -13.22 21.92 -1.18
CA PHE A 346 -12.06 21.42 -1.88
C PHE A 346 -11.20 20.80 -0.80
N THR A 347 -10.55 19.68 -1.09
CA THR A 347 -9.77 18.92 -0.12
C THR A 347 -8.76 18.10 -0.90
N ILE A 348 -7.82 17.50 -0.15
CA ILE A 348 -6.84 16.63 -0.77
C ILE A 348 -7.58 15.51 -1.47
N LYS A 349 -8.70 15.21 -0.84
CA LYS A 349 -9.57 14.22 -1.37
C LYS A 349 -10.13 14.71 -2.67
N SER A 350 -10.39 15.99 -2.94
CA SER A 350 -10.81 16.38 -4.29
C SER A 350 -9.67 16.03 -5.23
N ASP A 351 -8.50 16.42 -4.74
CA ASP A 351 -7.31 16.27 -5.53
C ASP A 351 -7.04 14.84 -5.91
N VAL A 352 -7.35 13.91 -5.01
CA VAL A 352 -7.22 12.54 -5.40
C VAL A 352 -8.14 12.28 -6.57
N TRP A 353 -9.46 12.57 -6.56
CA TRP A 353 -10.35 12.30 -7.66
C TRP A 353 -9.65 12.77 -8.90
N SER A 354 -9.27 14.03 -8.85
CA SER A 354 -8.62 14.66 -9.98
C SER A 354 -7.48 13.81 -10.56
N PHE A 355 -6.52 13.48 -9.65
CA PHE A 355 -5.33 12.72 -9.96
C PHE A 355 -5.66 11.49 -10.78
N GLY A 356 -6.77 10.89 -10.37
CA GLY A 356 -7.27 9.71 -10.99
C GLY A 356 -7.55 10.03 -12.42
N ILE A 357 -8.20 11.14 -12.65
CA ILE A 357 -8.56 11.42 -14.04
C ILE A 357 -7.35 11.69 -14.92
N LEU A 358 -6.34 12.19 -14.24
CA LEU A 358 -5.09 12.44 -14.86
C LEU A 358 -4.52 11.06 -15.16
N LEU A 359 -4.70 10.06 -14.31
CA LEU A 359 -4.21 8.71 -14.57
C LEU A 359 -4.65 8.13 -15.89
N MET A 360 -5.92 8.44 -16.06
CA MET A 360 -6.63 8.14 -17.24
C MET A 360 -5.93 8.80 -18.41
N GLU A 361 -5.88 10.14 -18.37
CA GLU A 361 -5.34 10.92 -19.47
C GLU A 361 -3.99 10.43 -19.85
N ILE A 362 -3.18 10.23 -18.81
CA ILE A 362 -1.82 9.76 -19.00
C ILE A 362 -1.83 8.55 -19.90
N VAL A 363 -2.62 7.51 -19.59
CA VAL A 363 -2.58 6.31 -20.40
C VAL A 363 -3.35 6.38 -21.70
N THR A 364 -4.20 7.40 -21.82
CA THR A 364 -4.88 7.57 -23.10
C THR A 364 -4.08 8.47 -24.01
N TYR A 365 -2.86 8.82 -23.50
CA TYR A 365 -1.87 9.66 -24.12
C TYR A 365 -2.53 10.97 -24.47
N GLY A 366 -3.13 11.59 -23.47
CA GLY A 366 -3.64 12.95 -23.66
C GLY A 366 -5.09 13.10 -24.08
N ARG A 367 -5.83 12.05 -24.47
CA ARG A 367 -7.23 12.20 -24.81
C ARG A 367 -8.07 12.85 -23.70
N ILE A 368 -8.85 13.91 -23.99
CA ILE A 368 -9.67 14.63 -23.02
C ILE A 368 -10.75 13.69 -22.46
N PRO A 369 -10.98 13.74 -21.13
CA PRO A 369 -11.73 12.75 -20.39
C PRO A 369 -13.18 12.78 -20.79
N TYR A 370 -13.80 11.62 -20.94
CA TYR A 370 -15.20 11.52 -21.24
C TYR A 370 -15.37 12.14 -22.63
N PRO A 371 -14.93 11.47 -23.69
CA PRO A 371 -15.31 11.75 -25.07
C PRO A 371 -16.80 11.79 -25.33
N GLY A 372 -17.19 12.66 -26.28
CA GLY A 372 -18.58 12.87 -26.70
C GLY A 372 -19.22 13.99 -25.86
N MET A 373 -19.17 13.66 -24.55
CA MET A 373 -19.72 14.40 -23.43
C MET A 373 -19.40 15.87 -23.47
N SER A 374 -20.50 16.48 -23.11
CA SER A 374 -20.60 17.90 -23.04
C SER A 374 -20.70 18.15 -21.55
N ASN A 375 -19.77 18.92 -21.04
CA ASN A 375 -19.59 19.34 -19.65
C ASN A 375 -20.75 19.42 -18.62
N PRO A 376 -22.10 19.55 -18.82
CA PRO A 376 -23.06 19.10 -17.83
C PRO A 376 -23.50 17.67 -18.08
N GLU A 377 -23.53 17.12 -19.32
CA GLU A 377 -23.89 15.72 -19.58
C GLU A 377 -23.23 14.72 -18.63
N VAL A 378 -22.06 15.07 -18.09
CA VAL A 378 -21.46 14.20 -17.08
C VAL A 378 -22.01 14.51 -15.69
N ILE A 379 -22.51 15.70 -15.29
CA ILE A 379 -23.06 15.87 -13.94
C ILE A 379 -24.22 14.87 -13.74
N ARG A 380 -24.91 14.58 -14.86
CA ARG A 380 -25.98 13.58 -14.91
C ARG A 380 -25.43 12.16 -14.78
N ALA A 381 -24.35 11.85 -15.50
CA ALA A 381 -23.72 10.56 -15.35
C ALA A 381 -23.13 10.32 -13.96
N LEU A 382 -22.39 11.23 -13.29
CA LEU A 382 -21.87 10.99 -11.94
C LEU A 382 -22.96 10.90 -10.86
N GLU A 383 -24.10 11.60 -11.05
CA GLU A 383 -25.25 11.48 -10.16
C GLU A 383 -25.77 10.04 -10.30
N ARG A 384 -25.72 9.41 -11.49
CA ARG A 384 -26.06 8.00 -11.60
C ARG A 384 -24.79 7.10 -11.58
N GLY A 385 -23.72 7.58 -10.93
CA GLY A 385 -22.42 6.90 -10.74
C GLY A 385 -21.65 6.38 -11.96
N TYR A 386 -21.81 6.87 -13.19
CA TYR A 386 -21.08 6.35 -14.32
C TYR A 386 -19.62 6.67 -14.17
N ARG A 387 -18.78 5.79 -14.73
CA ARG A 387 -17.38 6.07 -14.88
C ARG A 387 -16.91 5.51 -16.20
N MET A 388 -15.94 6.23 -16.76
CA MET A 388 -15.49 5.92 -18.10
C MET A 388 -14.61 4.71 -18.17
N PRO A 389 -14.89 3.85 -19.13
CA PRO A 389 -14.42 2.47 -19.13
C PRO A 389 -12.91 2.38 -19.23
N ARG A 390 -12.42 1.16 -19.14
CA ARG A 390 -10.99 0.93 -19.22
C ARG A 390 -10.51 1.16 -20.65
N PRO A 391 -9.44 1.93 -20.87
CA PRO A 391 -8.65 1.86 -22.08
C PRO A 391 -8.23 0.44 -22.25
N GLU A 392 -8.43 -0.11 -23.42
CA GLU A 392 -7.92 -1.45 -23.67
C GLU A 392 -6.47 -1.69 -23.28
N ASN A 393 -5.61 -0.71 -23.57
CA ASN A 393 -4.15 -0.81 -23.32
C ASN A 393 -3.79 -0.68 -21.84
N CYS A 394 -4.79 -0.27 -21.05
CA CYS A 394 -4.65 0.05 -19.65
C CYS A 394 -4.61 -1.25 -18.87
N PRO A 395 -3.87 -1.46 -17.78
CA PRO A 395 -4.07 -2.61 -16.95
C PRO A 395 -5.18 -2.37 -15.92
N GLU A 396 -5.80 -3.52 -15.61
CA GLU A 396 -6.95 -3.59 -14.72
C GLU A 396 -6.57 -3.01 -13.37
N GLU A 397 -5.38 -3.33 -12.90
CA GLU A 397 -4.89 -2.89 -11.60
C GLU A 397 -4.79 -1.37 -11.45
N LEU A 398 -4.54 -0.76 -12.61
CA LEU A 398 -4.34 0.65 -12.74
C LEU A 398 -5.72 1.21 -12.61
N TYR A 399 -6.62 0.56 -13.38
CA TYR A 399 -8.02 1.01 -13.43
C TYR A 399 -8.52 1.03 -12.01
N ASN A 400 -8.17 -0.02 -11.28
CA ASN A 400 -8.61 -0.16 -9.92
C ASN A 400 -8.10 1.06 -9.19
N ILE A 401 -6.88 1.55 -9.45
CA ILE A 401 -6.46 2.76 -8.75
C ILE A 401 -7.40 3.90 -9.15
N MET A 402 -7.65 4.07 -10.42
CA MET A 402 -8.50 5.18 -10.88
C MET A 402 -9.87 5.31 -10.25
N MET A 403 -10.51 4.16 -10.37
CA MET A 403 -11.85 3.88 -9.92
C MET A 403 -11.92 4.12 -8.42
N ARG A 404 -10.89 3.73 -7.66
CA ARG A 404 -10.83 3.99 -6.23
C ARG A 404 -10.64 5.47 -5.91
N CYS A 405 -10.13 6.16 -6.89
CA CYS A 405 -10.05 7.58 -6.74
C CYS A 405 -11.45 8.10 -6.97
N TRP A 406 -12.27 7.51 -7.83
CA TRP A 406 -13.60 8.04 -8.07
C TRP A 406 -14.67 7.46 -7.13
N LYS A 407 -14.36 7.57 -5.82
CA LYS A 407 -15.16 7.03 -4.73
C LYS A 407 -16.04 8.13 -4.10
N ASN A 408 -17.39 8.10 -4.09
CA ASN A 408 -18.18 9.27 -3.66
C ASN A 408 -17.98 9.83 -2.27
N ARG A 409 -17.50 9.01 -1.36
CA ARG A 409 -17.20 9.44 -0.01
C ARG A 409 -15.71 9.75 0.05
N PRO A 410 -15.22 10.99 -0.08
CA PRO A 410 -13.82 11.41 0.05
C PRO A 410 -12.84 10.59 0.90
N GLU A 411 -13.44 10.35 2.04
CA GLU A 411 -12.91 9.65 3.18
C GLU A 411 -12.26 8.32 2.81
N GLU A 412 -12.92 7.57 1.90
CA GLU A 412 -12.48 6.24 1.45
C GLU A 412 -11.83 6.23 0.07
N ARG A 413 -11.35 7.41 -0.29
CA ARG A 413 -10.52 7.56 -1.45
C ARG A 413 -9.13 7.60 -0.84
N PRO A 414 -8.17 6.98 -1.51
CA PRO A 414 -6.88 6.64 -0.93
C PRO A 414 -5.96 7.78 -0.65
N THR A 415 -4.98 7.65 0.22
CA THR A 415 -4.04 8.73 0.39
C THR A 415 -2.99 8.72 -0.68
N PHE A 416 -2.58 9.94 -1.12
CA PHE A 416 -1.49 10.05 -2.09
C PHE A 416 -0.29 9.33 -1.48
N GLU A 417 -0.19 9.09 -0.15
CA GLU A 417 0.77 8.13 0.41
C GLU A 417 0.59 6.73 -0.27
N TYR A 418 -0.62 6.09 -0.23
CA TYR A 418 -0.84 4.74 -0.77
C TYR A 418 -0.54 4.83 -2.25
N ILE A 419 -1.11 5.85 -2.88
CA ILE A 419 -0.99 5.92 -4.32
C ILE A 419 0.44 5.83 -4.83
N GLN A 420 1.27 6.65 -4.16
CA GLN A 420 2.71 6.69 -4.40
C GLN A 420 3.32 5.30 -4.20
N SER A 421 3.05 4.66 -3.08
CA SER A 421 3.52 3.32 -2.74
C SER A 421 3.27 2.24 -3.80
N VAL A 422 2.06 2.34 -4.38
CA VAL A 422 1.60 1.35 -5.34
C VAL A 422 2.29 1.64 -6.66
N LEU A 423 2.17 2.87 -7.18
CA LEU A 423 2.65 3.13 -8.52
C LEU A 423 4.16 3.07 -8.51
N ASP A 424 4.79 3.38 -7.38
CA ASP A 424 6.24 3.35 -7.30
C ASP A 424 6.78 1.96 -7.66
N ASP A 425 6.28 0.88 -7.04
CA ASP A 425 6.73 -0.49 -7.28
C ASP A 425 5.62 -1.29 -7.89
N PHE A 426 4.95 -0.68 -8.82
CA PHE A 426 3.87 -1.33 -9.52
C PHE A 426 4.26 -2.63 -10.27
N TYR A 427 5.54 -2.73 -10.68
CA TYR A 427 6.04 -3.85 -11.46
C TYR A 427 6.92 -4.73 -10.59
N THR A 428 7.10 -4.35 -9.30
CA THR A 428 8.01 -5.06 -8.40
C THR A 428 7.29 -5.59 -7.18
N ALA A 429 7.38 -6.91 -7.02
CA ALA A 429 6.77 -7.52 -5.86
C ALA A 429 7.55 -7.07 -4.64
N THR A 430 6.80 -6.65 -3.59
CA THR A 430 7.36 -6.22 -2.33
C THR A 430 8.49 -7.11 -1.94
N GLU A 431 8.38 -8.40 -1.83
CA GLU A 431 9.50 -9.25 -1.48
C GLU A 431 10.72 -9.03 -2.36
N SER A 432 10.53 -8.79 -3.64
CA SER A 432 11.69 -8.71 -4.42
C SER A 432 12.30 -7.34 -4.51
N GLN A 433 11.84 -6.31 -3.76
CA GLN A 433 12.47 -4.96 -3.79
C GLN A 433 14.01 -5.03 -3.64
N GLN A 435 17.33 -7.32 -2.62
CA GLN A 435 17.77 -8.70 -2.79
C GLN A 435 18.17 -9.28 -1.45
N GLN A 436 17.88 -10.57 -1.33
CA GLN A 436 18.27 -11.29 -0.13
C GLN A 436 19.72 -11.64 -0.41
N GLN A 437 20.36 -11.42 0.75
CA GLN A 437 21.79 -11.59 1.02
C GLN A 437 22.43 -12.92 0.59
N PRO A 438 23.46 -12.98 -0.30
CA PRO A 438 24.08 -14.19 -0.89
C PRO A 438 25.05 -15.06 -0.07
N GLU B 1 -45.96 -18.27 -7.47
CA GLU B 1 -45.40 -19.55 -7.07
C GLU B 1 -44.99 -19.34 -5.59
N ASP B 2 -44.17 -20.22 -5.00
CA ASP B 2 -43.64 -20.18 -3.64
C ASP B 2 -42.14 -20.64 -3.73
N ILE B 3 -41.25 -20.21 -2.82
CA ILE B 3 -39.81 -20.31 -3.06
C ILE B 3 -39.12 -21.64 -2.73
N ILE B 4 -38.63 -22.49 -3.63
CA ILE B 4 -38.05 -23.78 -3.21
C ILE B 4 -36.55 -23.80 -3.21
N VAL B 5 -35.82 -24.17 -2.16
CA VAL B 5 -34.37 -24.22 -2.28
C VAL B 5 -33.78 -25.63 -2.31
N VAL B 6 -32.48 -25.70 -2.55
CA VAL B 6 -31.86 -26.97 -2.71
C VAL B 6 -30.67 -27.11 -1.78
N ALA B 7 -30.55 -28.31 -1.24
CA ALA B 7 -29.48 -28.67 -0.35
C ALA B 7 -28.08 -28.71 -0.92
N LEU B 8 -27.27 -27.73 -0.50
CA LEU B 8 -25.86 -27.68 -0.83
C LEU B 8 -25.05 -28.79 -0.20
N TYR B 9 -25.37 -29.12 1.06
CA TYR B 9 -24.63 -30.16 1.80
C TYR B 9 -25.52 -31.11 2.65
N ASP B 10 -24.96 -32.17 3.28
CA ASP B 10 -25.74 -33.05 4.14
C ASP B 10 -25.70 -32.45 5.50
N TYR B 11 -26.82 -32.46 6.18
CA TYR B 11 -26.95 -32.05 7.54
C TYR B 11 -27.62 -33.28 8.13
N GLU B 12 -27.38 -33.31 9.43
CA GLU B 12 -27.64 -34.39 10.37
C GLU B 12 -28.24 -33.51 11.45
N ALA B 13 -29.50 -33.59 11.75
CA ALA B 13 -30.03 -32.71 12.78
C ALA B 13 -29.54 -33.08 14.19
N ILE B 14 -29.36 -32.02 14.97
CA ILE B 14 -28.79 -32.13 16.32
C ILE B 14 -29.49 -31.36 17.45
N HIS B 15 -30.38 -30.48 17.02
CA HIS B 15 -30.98 -29.53 17.94
C HIS B 15 -32.43 -29.83 18.00
N HIS B 16 -33.17 -29.09 18.83
CA HIS B 16 -34.57 -29.40 19.01
C HIS B 16 -35.53 -29.56 17.82
N GLU B 17 -35.60 -28.53 16.95
CA GLU B 17 -36.55 -28.48 15.85
C GLU B 17 -35.92 -28.49 14.46
N ASP B 18 -34.61 -28.68 14.38
CA ASP B 18 -33.91 -28.55 13.14
C ASP B 18 -34.07 -29.80 12.32
N LEU B 19 -33.79 -29.67 11.04
CA LEU B 19 -34.15 -30.70 10.12
C LEU B 19 -32.97 -31.32 9.45
N SER B 20 -33.04 -32.65 9.41
CA SER B 20 -32.00 -33.46 8.81
C SER B 20 -32.22 -33.44 7.29
N PHE B 21 -31.12 -33.27 6.50
CA PHE B 21 -31.23 -33.27 5.04
C PHE B 21 -29.99 -33.67 4.28
N GLN B 22 -30.12 -34.51 3.26
CA GLN B 22 -28.99 -34.91 2.40
C GLN B 22 -28.76 -33.87 1.27
N LYS B 23 -27.68 -34.03 0.46
CA LYS B 23 -27.35 -33.10 -0.62
C LYS B 23 -28.28 -33.39 -1.79
N GLY B 24 -28.75 -32.37 -2.49
CA GLY B 24 -29.59 -32.58 -3.66
C GLY B 24 -31.08 -32.54 -3.36
N ASP B 25 -31.54 -32.84 -2.13
CA ASP B 25 -32.98 -32.90 -1.80
C ASP B 25 -33.52 -31.50 -1.78
N GLN B 26 -34.82 -31.35 -1.88
CA GLN B 26 -35.25 -30.00 -1.96
C GLN B 26 -36.17 -29.78 -0.83
N MET B 27 -36.32 -28.51 -0.57
CA MET B 27 -37.04 -28.00 0.57
C MET B 27 -37.79 -26.76 0.14
N VAL B 28 -38.79 -26.33 0.90
CA VAL B 28 -39.51 -25.07 0.65
C VAL B 28 -39.24 -24.11 1.79
N VAL B 29 -38.98 -22.81 1.61
CA VAL B 29 -38.73 -21.97 2.78
C VAL B 29 -40.04 -21.35 3.23
N LEU B 30 -40.19 -21.18 4.54
CA LEU B 30 -41.39 -20.68 5.14
C LEU B 30 -41.09 -19.38 5.85
N GLU B 31 -39.88 -19.17 6.34
CA GLU B 31 -39.54 -17.92 7.02
C GLU B 31 -38.08 -17.68 6.74
N GLU B 32 -37.63 -16.45 6.41
CA GLU B 32 -36.22 -16.20 6.20
C GLU B 32 -35.76 -15.40 7.41
N SER B 33 -35.47 -16.15 8.47
CA SER B 33 -35.13 -15.63 9.79
C SER B 33 -33.67 -15.66 10.23
N GLY B 34 -32.78 -15.19 9.35
CA GLY B 34 -31.34 -15.08 9.62
C GLY B 34 -30.61 -16.38 9.34
N GLU B 35 -29.73 -16.70 10.29
CA GLU B 35 -28.96 -17.94 10.28
C GLU B 35 -29.75 -19.19 9.87
N TRP B 36 -30.99 -19.21 10.39
CA TRP B 36 -31.88 -20.34 10.25
C TRP B 36 -33.16 -19.92 9.60
N TRP B 37 -33.63 -20.73 8.67
CA TRP B 37 -34.87 -20.49 7.99
C TRP B 37 -35.72 -21.75 8.24
N LYS B 38 -37.06 -21.65 8.20
CA LYS B 38 -37.91 -22.81 8.44
C LYS B 38 -38.21 -23.31 7.03
N ALA B 39 -38.13 -24.62 6.82
CA ALA B 39 -38.41 -25.26 5.55
C ALA B 39 -39.25 -26.52 5.63
N ARG B 40 -39.91 -26.90 4.55
CA ARG B 40 -40.61 -28.17 4.52
C ARG B 40 -39.81 -29.08 3.65
N SER B 41 -39.14 -30.05 4.21
CA SER B 41 -38.34 -30.94 3.38
C SER B 41 -39.25 -31.65 2.41
N LEU B 42 -39.21 -31.31 1.13
CA LEU B 42 -39.99 -31.94 0.07
C LEU B 42 -39.71 -33.44 0.13
N ALA B 43 -38.46 -33.72 0.52
CA ALA B 43 -38.00 -35.08 0.67
C ALA B 43 -38.48 -35.80 1.91
N THR B 44 -38.95 -35.15 2.97
CA THR B 44 -39.48 -35.89 4.09
C THR B 44 -40.83 -35.47 4.52
N ARG B 45 -41.35 -34.38 3.97
CA ARG B 45 -42.50 -33.65 4.45
C ARG B 45 -42.30 -33.15 5.90
N LYS B 46 -41.16 -33.19 6.59
CA LYS B 46 -41.08 -32.69 7.94
C LYS B 46 -40.87 -31.20 7.86
N GLU B 47 -41.60 -30.40 8.61
CA GLU B 47 -41.47 -28.95 8.60
C GLU B 47 -40.58 -28.60 9.76
N GLY B 48 -39.67 -27.63 9.61
CA GLY B 48 -38.78 -27.24 10.70
C GLY B 48 -37.54 -26.53 10.22
N TYR B 49 -36.49 -26.38 11.03
CA TYR B 49 -35.36 -25.52 10.71
C TYR B 49 -34.16 -26.02 9.92
N ILE B 50 -33.68 -25.01 9.22
CA ILE B 50 -32.66 -25.12 8.23
C ILE B 50 -31.57 -24.06 8.43
N PRO B 51 -30.30 -24.47 8.33
CA PRO B 51 -29.15 -23.58 8.25
C PRO B 51 -29.09 -22.75 6.94
N SER B 52 -29.53 -21.51 6.73
CA SER B 52 -29.59 -20.94 5.37
C SER B 52 -28.39 -21.01 4.43
N ASN B 53 -27.19 -21.21 4.94
CA ASN B 53 -26.04 -21.34 4.09
C ASN B 53 -25.72 -22.79 3.90
N TYR B 54 -26.74 -23.62 3.94
CA TYR B 54 -26.50 -24.96 3.46
C TYR B 54 -27.41 -25.18 2.29
N VAL B 55 -28.09 -24.14 1.87
CA VAL B 55 -28.99 -24.25 0.75
C VAL B 55 -28.91 -22.95 -0.05
N ALA B 56 -29.54 -23.01 -1.21
CA ALA B 56 -29.66 -21.87 -2.08
C ALA B 56 -30.80 -22.17 -3.06
N ARG B 57 -31.40 -21.13 -3.63
CA ARG B 57 -32.54 -21.22 -4.53
C ARG B 57 -32.19 -22.07 -5.74
N VAL B 58 -33.07 -23.02 -6.04
CA VAL B 58 -32.82 -24.03 -7.05
C VAL B 58 -32.51 -23.31 -8.33
N ASP B 59 -31.45 -23.90 -8.83
CA ASP B 59 -30.85 -23.52 -10.07
C ASP B 59 -30.16 -22.16 -10.13
N SER B 60 -30.15 -21.24 -9.16
CA SER B 60 -29.34 -20.05 -9.36
C SER B 60 -27.85 -20.43 -9.23
N LEU B 61 -26.86 -19.54 -9.51
CA LEU B 61 -25.40 -19.81 -9.47
C LEU B 61 -24.71 -20.86 -8.60
N GLU B 62 -24.97 -20.67 -7.29
CA GLU B 62 -24.44 -21.39 -6.15
C GLU B 62 -24.40 -22.91 -6.29
N THR B 63 -25.42 -23.36 -7.01
CA THR B 63 -25.65 -24.74 -7.35
C THR B 63 -24.54 -25.48 -8.11
N GLU B 64 -23.95 -24.95 -9.20
CA GLU B 64 -23.05 -25.81 -9.95
C GLU B 64 -21.74 -25.61 -9.19
N GLU B 65 -21.36 -26.77 -8.66
CA GLU B 65 -20.06 -27.09 -8.06
C GLU B 65 -18.84 -26.12 -7.98
N TRP B 66 -18.67 -25.30 -9.03
CA TRP B 66 -17.52 -24.45 -9.36
C TRP B 66 -17.52 -22.98 -8.99
N PHE B 67 -18.73 -22.50 -8.67
CA PHE B 67 -18.94 -21.15 -8.25
C PHE B 67 -18.74 -21.07 -6.74
N PHE B 68 -18.04 -20.09 -6.21
CA PHE B 68 -17.84 -19.98 -4.79
C PHE B 68 -18.36 -18.60 -4.49
N LYS B 69 -19.32 -18.41 -3.59
CA LYS B 69 -19.89 -17.09 -3.43
C LYS B 69 -18.95 -16.10 -2.78
N GLY B 70 -18.84 -16.05 -1.45
CA GLY B 70 -18.23 -14.90 -0.76
C GLY B 70 -16.73 -14.67 -0.77
N ILE B 71 -16.06 -15.31 -1.70
CA ILE B 71 -14.64 -15.44 -1.61
C ILE B 71 -13.83 -14.25 -2.07
N SER B 72 -12.96 -13.78 -1.18
CA SER B 72 -12.04 -12.74 -1.52
C SER B 72 -11.07 -13.34 -2.57
N ARG B 73 -10.15 -12.55 -3.19
CA ARG B 73 -9.23 -13.08 -4.19
C ARG B 73 -8.12 -13.83 -3.50
N LYS B 74 -7.75 -13.43 -2.27
CA LYS B 74 -6.72 -14.14 -1.51
C LYS B 74 -7.24 -15.39 -0.87
N ASP B 75 -8.42 -15.38 -0.24
CA ASP B 75 -8.95 -16.62 0.29
C ASP B 75 -8.99 -17.66 -0.82
N ALA B 76 -9.42 -17.27 -2.05
CA ALA B 76 -9.42 -18.16 -3.19
C ALA B 76 -8.05 -18.73 -3.47
N GLU B 77 -6.97 -17.97 -3.28
CA GLU B 77 -5.63 -18.52 -3.52
C GLU B 77 -5.43 -19.60 -2.49
N ARG B 78 -5.69 -19.37 -1.20
CA ARG B 78 -5.48 -20.34 -0.12
C ARG B 78 -6.19 -21.69 -0.26
N GLN B 79 -7.45 -21.54 -0.66
CA GLN B 79 -8.34 -22.66 -0.88
C GLN B 79 -7.96 -23.55 -2.01
N LEU B 80 -7.54 -22.90 -3.08
CA LEU B 80 -7.20 -23.66 -4.25
C LEU B 80 -5.90 -24.37 -3.95
N LEU B 81 -5.15 -23.87 -2.98
CA LEU B 81 -3.92 -24.52 -2.64
C LEU B 81 -3.95 -25.52 -1.52
N ALA B 82 -5.16 -25.71 -1.02
CA ALA B 82 -5.40 -26.77 -0.07
C ALA B 82 -5.08 -28.11 -0.74
N PRO B 83 -4.63 -29.04 0.08
CA PRO B 83 -4.58 -30.45 -0.23
C PRO B 83 -5.81 -30.98 -0.94
N GLY B 84 -5.59 -31.64 -2.08
CA GLY B 84 -6.66 -32.32 -2.78
C GLY B 84 -6.80 -31.77 -4.19
N ASN B 85 -6.54 -30.48 -4.27
CA ASN B 85 -6.64 -29.78 -5.52
C ASN B 85 -5.36 -30.10 -6.28
N MET B 86 -5.43 -30.14 -7.61
CA MET B 86 -4.37 -30.56 -8.50
C MET B 86 -4.21 -29.51 -9.60
N LEU B 87 -3.35 -29.78 -10.58
CA LEU B 87 -3.08 -28.81 -11.63
C LEU B 87 -4.28 -28.73 -12.53
N GLY B 88 -4.77 -27.52 -12.44
CA GLY B 88 -5.88 -27.11 -13.24
C GLY B 88 -7.09 -26.88 -12.38
N SER B 89 -7.10 -27.38 -11.13
CA SER B 89 -8.20 -27.12 -10.20
C SER B 89 -8.51 -25.62 -10.25
N PHE B 90 -9.75 -25.21 -10.44
CA PHE B 90 -10.04 -23.81 -10.63
C PHE B 90 -11.27 -23.37 -9.85
N MET B 91 -11.73 -22.11 -9.89
CA MET B 91 -12.99 -21.74 -9.27
C MET B 91 -13.49 -20.47 -9.88
N ILE B 92 -14.79 -20.29 -10.02
CA ILE B 92 -15.26 -18.99 -10.46
C ILE B 92 -15.87 -18.35 -9.22
N ARG B 93 -15.84 -17.05 -9.07
CA ARG B 93 -16.28 -16.44 -7.85
C ARG B 93 -16.59 -14.99 -8.13
N ASP B 94 -17.19 -14.34 -7.14
CA ASP B 94 -17.43 -12.93 -7.23
C ASP B 94 -16.13 -12.13 -7.38
N SER B 95 -16.04 -11.10 -8.28
CA SER B 95 -14.89 -10.17 -8.31
C SER B 95 -14.96 -9.29 -7.08
N GLU B 96 -13.99 -9.34 -6.18
CA GLU B 96 -14.02 -8.45 -5.05
C GLU B 96 -13.79 -6.96 -5.38
N THR B 97 -13.13 -6.61 -6.52
CA THR B 97 -12.78 -5.24 -6.82
C THR B 97 -13.79 -4.57 -7.74
N THR B 98 -14.13 -5.26 -8.83
CA THR B 98 -15.27 -4.85 -9.64
C THR B 98 -16.49 -5.68 -9.20
N LYS B 99 -17.32 -5.07 -8.36
CA LYS B 99 -18.54 -5.71 -7.82
C LYS B 99 -19.65 -6.03 -8.84
N GLY B 100 -20.64 -6.89 -8.58
CA GLY B 100 -21.59 -7.26 -9.63
C GLY B 100 -20.94 -8.09 -10.78
N SER B 101 -19.64 -8.35 -10.85
CA SER B 101 -19.07 -9.06 -11.98
C SER B 101 -18.29 -10.26 -11.44
N TYR B 102 -17.67 -11.18 -12.22
CA TYR B 102 -17.05 -12.43 -11.72
C TYR B 102 -15.53 -12.68 -12.03
N SER B 103 -14.71 -13.40 -11.27
CA SER B 103 -13.36 -13.71 -11.68
C SER B 103 -13.16 -15.23 -11.66
N LEU B 104 -12.06 -15.68 -12.21
CA LEU B 104 -11.79 -17.09 -12.29
C LEU B 104 -10.43 -17.25 -11.64
N SER B 105 -10.25 -18.13 -10.69
CA SER B 105 -8.93 -18.33 -10.17
C SER B 105 -8.45 -19.65 -10.75
N VAL B 106 -7.17 -19.97 -11.05
CA VAL B 106 -6.79 -21.30 -11.55
C VAL B 106 -5.46 -21.69 -10.93
N ARG B 107 -5.19 -22.97 -10.59
CA ARG B 107 -3.93 -23.38 -10.00
C ARG B 107 -2.95 -23.69 -11.13
N ASP B 108 -1.61 -23.44 -10.97
CA ASP B 108 -0.53 -23.56 -11.96
C ASP B 108 0.84 -23.78 -11.29
N TYR B 109 1.95 -23.89 -12.04
CA TYR B 109 3.33 -23.97 -11.54
C TYR B 109 4.13 -23.34 -12.69
N ASP B 110 5.05 -22.41 -12.35
CA ASP B 110 5.93 -21.74 -13.30
C ASP B 110 7.30 -21.56 -12.62
N PRO B 111 8.39 -22.13 -13.18
CA PRO B 111 9.50 -22.82 -12.48
C PRO B 111 10.23 -22.19 -11.29
N ARG B 112 10.30 -20.85 -11.33
CA ARG B 112 10.93 -20.05 -10.30
C ARG B 112 10.09 -20.05 -9.01
N GLN B 113 8.79 -20.37 -9.04
CA GLN B 113 7.95 -20.40 -7.85
C GLN B 113 7.22 -21.74 -7.73
N GLY B 114 6.70 -22.15 -6.54
CA GLY B 114 6.01 -23.42 -6.27
C GLY B 114 4.67 -23.61 -7.00
N ASP B 115 3.56 -24.05 -6.39
CA ASP B 115 2.28 -24.05 -7.12
C ASP B 115 1.76 -22.60 -7.05
N THR B 116 1.00 -22.08 -8.02
CA THR B 116 0.65 -20.66 -8.06
C THR B 116 -0.83 -20.56 -8.25
N VAL B 117 -1.57 -19.52 -7.88
CA VAL B 117 -2.94 -19.49 -8.36
C VAL B 117 -3.00 -18.23 -9.20
N LYS B 118 -3.47 -18.25 -10.43
CA LYS B 118 -3.54 -17.05 -11.24
C LYS B 118 -4.99 -16.71 -11.47
N HIS B 119 -5.26 -15.41 -11.57
CA HIS B 119 -6.62 -14.94 -11.61
C HIS B 119 -6.98 -14.29 -12.91
N TYR B 120 -8.13 -14.60 -13.46
CA TYR B 120 -8.52 -14.01 -14.70
C TYR B 120 -9.71 -13.22 -14.34
N LYS B 121 -9.78 -12.12 -15.03
CA LYS B 121 -10.84 -11.17 -14.78
C LYS B 121 -11.92 -11.56 -15.77
N ILE B 122 -13.19 -11.65 -15.39
CA ILE B 122 -14.24 -12.04 -16.33
C ILE B 122 -15.12 -10.81 -16.49
N ARG B 123 -15.22 -10.23 -17.67
CA ARG B 123 -15.98 -9.02 -17.87
C ARG B 123 -17.40 -9.28 -18.39
N THR B 124 -18.41 -8.48 -17.94
CA THR B 124 -19.88 -8.58 -18.19
C THR B 124 -20.56 -7.40 -18.97
N LEU B 125 -21.02 -7.34 -20.24
CA LEU B 125 -21.72 -6.13 -20.79
C LEU B 125 -23.25 -6.29 -20.81
N ASP B 126 -24.10 -5.31 -21.19
CA ASP B 126 -25.56 -5.48 -21.23
C ASP B 126 -26.15 -6.58 -22.15
N ASN B 127 -25.34 -7.33 -22.92
CA ASN B 127 -25.80 -8.45 -23.74
C ASN B 127 -26.20 -9.66 -22.91
N GLY B 128 -25.92 -9.55 -21.60
CA GLY B 128 -26.11 -10.62 -20.63
C GLY B 128 -25.04 -11.67 -20.92
N GLY B 129 -23.93 -11.11 -21.41
CA GLY B 129 -22.80 -11.86 -21.89
C GLY B 129 -21.56 -11.48 -21.09
N PHE B 130 -20.72 -12.47 -20.87
CA PHE B 130 -19.50 -12.41 -20.08
C PHE B 130 -18.36 -13.02 -20.88
N TYR B 131 -17.13 -12.52 -20.72
CA TYR B 131 -16.01 -13.06 -21.48
C TYR B 131 -14.71 -12.74 -20.76
N ILE B 132 -13.65 -13.50 -21.03
CA ILE B 132 -12.35 -13.09 -20.53
C ILE B 132 -11.46 -12.75 -21.72
N SER B 133 -11.52 -13.44 -22.89
CA SER B 133 -10.84 -13.07 -24.15
C SER B 133 -11.93 -12.49 -25.01
N PRO B 134 -11.87 -11.44 -25.83
CA PRO B 134 -13.02 -11.02 -26.63
C PRO B 134 -13.17 -11.88 -27.89
N ARG B 135 -12.18 -12.73 -28.22
CA ARG B 135 -12.32 -13.66 -29.34
C ARG B 135 -13.36 -14.75 -29.10
N SER B 136 -13.97 -14.82 -27.91
CA SER B 136 -14.87 -15.87 -27.52
C SER B 136 -15.78 -15.27 -26.43
N THR B 137 -17.11 -15.43 -26.49
CA THR B 137 -17.99 -14.81 -25.52
C THR B 137 -19.16 -15.76 -25.36
N PHE B 138 -19.84 -15.68 -24.22
CA PHE B 138 -20.95 -16.57 -23.88
C PHE B 138 -22.03 -15.83 -23.09
N SER B 139 -23.17 -16.49 -22.91
CA SER B 139 -24.25 -16.08 -21.99
C SER B 139 -24.49 -17.28 -21.05
N THR B 140 -24.12 -18.42 -21.64
CA THR B 140 -24.11 -19.74 -21.08
C THR B 140 -22.95 -19.75 -20.08
N LEU B 141 -23.06 -19.21 -18.85
CA LEU B 141 -21.90 -19.17 -17.96
C LEU B 141 -21.22 -20.53 -17.71
N GLN B 142 -22.01 -21.60 -17.63
CA GLN B 142 -21.44 -22.95 -17.51
C GLN B 142 -20.53 -23.20 -18.74
N GLU B 143 -20.93 -22.73 -19.94
CA GLU B 143 -20.17 -22.96 -21.16
C GLU B 143 -18.76 -22.39 -21.17
N LEU B 144 -18.58 -21.26 -20.46
CA LEU B 144 -17.26 -20.65 -20.33
C LEU B 144 -16.31 -21.68 -19.75
N VAL B 145 -16.78 -22.24 -18.63
CA VAL B 145 -15.92 -23.10 -17.86
C VAL B 145 -15.67 -24.32 -18.72
N ASP B 146 -16.70 -24.95 -19.24
CA ASP B 146 -16.54 -26.22 -19.91
C ASP B 146 -15.59 -26.17 -21.08
N HIS B 147 -15.64 -24.99 -21.68
CA HIS B 147 -14.81 -24.73 -22.82
C HIS B 147 -13.33 -24.95 -22.53
N TYR B 148 -12.90 -24.20 -21.53
CA TYR B 148 -11.51 -24.19 -21.15
C TYR B 148 -11.06 -25.52 -20.51
N LYS B 149 -11.96 -26.48 -20.26
CA LYS B 149 -11.63 -27.80 -19.72
C LYS B 149 -10.97 -28.67 -20.77
N LYS B 150 -11.36 -28.33 -22.00
CA LYS B 150 -10.81 -28.98 -23.16
C LYS B 150 -9.91 -28.01 -23.92
N GLY B 151 -10.02 -26.68 -23.77
CA GLY B 151 -9.12 -25.76 -24.47
C GLY B 151 -8.40 -24.70 -23.62
N ASN B 152 -7.06 -24.74 -23.49
CA ASN B 152 -6.26 -23.78 -22.74
C ASN B 152 -6.05 -22.52 -23.56
N ASP B 153 -7.18 -21.86 -23.84
CA ASP B 153 -7.24 -20.75 -24.78
C ASP B 153 -6.57 -19.47 -24.26
N GLY B 154 -5.24 -19.44 -24.32
CA GLY B 154 -4.46 -18.29 -23.87
C GLY B 154 -4.26 -18.31 -22.37
N LEU B 155 -5.14 -19.04 -21.69
CA LEU B 155 -5.03 -19.27 -20.27
C LEU B 155 -3.75 -20.03 -20.08
N CYS B 156 -3.22 -19.80 -18.89
CA CYS B 156 -2.01 -20.48 -18.52
C CYS B 156 -2.21 -22.00 -18.52
N GLN B 157 -3.41 -22.50 -18.11
CA GLN B 157 -3.69 -23.92 -17.90
C GLN B 157 -5.05 -24.46 -18.32
N LYS B 158 -5.14 -25.79 -18.54
CA LYS B 158 -6.36 -26.53 -18.95
C LYS B 158 -7.25 -26.87 -17.75
N LEU B 159 -8.39 -26.18 -17.61
CA LEU B 159 -9.23 -26.28 -16.41
C LEU B 159 -9.62 -27.70 -16.12
N SER B 160 -9.38 -28.13 -14.90
CA SER B 160 -9.74 -29.48 -14.60
C SER B 160 -10.88 -29.56 -13.60
N VAL B 161 -10.69 -29.89 -12.34
CA VAL B 161 -11.86 -29.99 -11.50
C VAL B 161 -12.06 -28.70 -10.73
N PRO B 162 -13.29 -28.41 -10.30
CA PRO B 162 -13.58 -27.49 -9.24
C PRO B 162 -12.65 -27.59 -8.05
N CYS B 163 -12.60 -26.52 -7.27
CA CYS B 163 -11.79 -26.48 -6.06
C CYS B 163 -12.51 -27.30 -5.00
N MET B 164 -11.86 -27.82 -3.96
CA MET B 164 -12.57 -28.54 -2.92
C MET B 164 -13.58 -27.67 -2.23
N SER B 165 -14.78 -28.21 -2.05
CA SER B 165 -15.79 -27.53 -1.29
C SER B 165 -15.48 -27.93 0.18
N SER B 166 -15.44 -26.97 1.10
CA SER B 166 -15.26 -27.22 2.53
C SER B 166 -16.65 -27.02 3.18
N LYS B 167 -17.23 -28.02 3.90
CA LYS B 167 -18.57 -27.89 4.48
C LYS B 167 -18.65 -26.76 5.50
N PRO B 168 -19.69 -25.90 5.45
CA PRO B 168 -19.82 -24.73 6.29
C PRO B 168 -19.89 -25.22 7.72
N GLN B 169 -19.53 -24.35 8.67
CA GLN B 169 -19.62 -24.75 10.05
C GLN B 169 -21.10 -24.49 10.35
N LYS B 170 -21.65 -25.45 11.12
CA LYS B 170 -23.05 -25.52 11.50
C LYS B 170 -23.32 -24.32 12.40
N PRO B 171 -24.35 -23.49 12.26
CA PRO B 171 -24.61 -22.36 13.12
C PRO B 171 -25.06 -22.76 14.51
N TRP B 172 -24.99 -21.74 15.35
CA TRP B 172 -25.39 -21.88 16.73
C TRP B 172 -26.91 -21.92 16.78
N GLU B 173 -27.39 -22.63 17.81
CA GLU B 173 -28.78 -22.87 18.07
C GLU B 173 -29.49 -21.52 18.22
N LYS B 174 -30.66 -21.56 17.61
CA LYS B 174 -31.53 -20.41 17.53
C LYS B 174 -31.80 -19.96 18.97
N ASP B 175 -31.23 -18.76 19.21
CA ASP B 175 -31.42 -17.95 20.42
C ASP B 175 -30.76 -18.41 21.71
N ALA B 176 -29.77 -19.28 21.61
CA ALA B 176 -29.08 -19.72 22.82
C ALA B 176 -27.89 -18.80 23.07
N TRP B 177 -28.21 -17.57 23.44
CA TRP B 177 -27.19 -16.59 23.74
C TRP B 177 -26.91 -16.56 25.26
N GLU B 178 -28.00 -16.48 25.99
CA GLU B 178 -27.97 -16.54 27.44
C GLU B 178 -27.99 -18.03 27.62
N ILE B 179 -26.90 -18.58 28.14
CA ILE B 179 -26.88 -20.01 28.39
C ILE B 179 -26.79 -20.27 29.87
N PRO B 180 -27.74 -21.14 30.24
CA PRO B 180 -27.64 -22.15 31.28
C PRO B 180 -26.44 -23.09 31.28
N ARG B 181 -25.64 -22.93 32.35
CA ARG B 181 -24.37 -23.63 32.55
C ARG B 181 -24.44 -25.14 32.39
N GLU B 182 -25.57 -25.68 32.79
CA GLU B 182 -25.84 -27.10 32.78
C GLU B 182 -25.65 -27.76 31.41
N SER B 183 -25.71 -26.98 30.32
CA SER B 183 -25.52 -27.43 28.93
C SER B 183 -24.08 -27.84 28.59
N LEU B 184 -23.13 -27.45 29.41
CA LEU B 184 -21.77 -27.78 29.13
C LEU B 184 -21.17 -28.79 30.12
N LYS B 185 -20.22 -29.50 29.51
CA LYS B 185 -19.32 -30.37 30.23
C LYS B 185 -17.97 -29.83 29.73
N LEU B 186 -17.35 -29.04 30.61
CA LEU B 186 -16.06 -28.47 30.32
C LEU B 186 -15.12 -29.66 30.49
N GLU B 187 -14.76 -30.42 29.45
CA GLU B 187 -13.91 -31.59 29.54
C GLU B 187 -12.37 -31.40 29.41
N LYS B 188 -11.68 -30.32 28.99
CA LYS B 188 -10.20 -30.32 29.01
C LYS B 188 -9.67 -28.95 29.33
N LYS B 189 -8.96 -28.78 30.44
CA LYS B 189 -8.30 -27.51 30.78
C LYS B 189 -7.24 -27.40 29.67
N LEU B 190 -7.40 -26.46 28.72
CA LEU B 190 -6.47 -26.23 27.62
C LEU B 190 -5.36 -25.21 27.87
N GLY B 191 -5.63 -24.21 28.71
CA GLY B 191 -4.62 -23.25 29.12
C GLY B 191 -5.16 -22.38 30.24
N ALA B 192 -4.28 -21.86 31.09
CA ALA B 192 -4.65 -20.99 32.20
C ALA B 192 -4.13 -19.62 31.82
N GLY B 193 -4.92 -18.60 32.19
CA GLY B 193 -4.55 -17.19 32.04
C GLY B 193 -4.46 -16.68 33.48
N GLN B 194 -4.26 -15.40 33.76
CA GLN B 194 -4.25 -15.02 35.19
C GLN B 194 -5.66 -14.69 35.72
N PHE B 195 -6.66 -14.49 34.82
CA PHE B 195 -8.03 -14.13 35.22
C PHE B 195 -9.05 -15.16 34.77
N GLY B 196 -8.57 -16.19 34.16
CA GLY B 196 -9.47 -17.12 33.55
C GLY B 196 -8.75 -18.38 33.17
N GLU B 197 -9.48 -19.24 32.50
CA GLU B 197 -8.95 -20.49 32.09
C GLU B 197 -9.73 -20.79 30.84
N VAL B 198 -9.20 -21.54 29.88
CA VAL B 198 -9.98 -21.90 28.71
C VAL B 198 -10.01 -23.42 28.71
N TRP B 199 -11.27 -23.84 28.60
CA TRP B 199 -11.67 -25.21 28.72
C TRP B 199 -12.30 -25.71 27.47
N MET B 200 -11.87 -26.85 26.97
CA MET B 200 -12.53 -27.52 25.87
C MET B 200 -13.90 -27.93 26.37
N ALA B 201 -14.98 -28.11 25.60
CA ALA B 201 -16.29 -28.32 26.19
C ALA B 201 -17.37 -28.88 25.26
N THR B 202 -18.50 -29.32 25.78
CA THR B 202 -19.57 -29.79 24.91
C THR B 202 -20.89 -29.19 25.30
N TYR B 203 -21.41 -28.38 24.38
CA TYR B 203 -22.70 -27.77 24.57
C TYR B 203 -23.70 -28.84 24.16
N ASN B 204 -24.70 -29.03 25.03
CA ASN B 204 -25.77 -30.01 24.88
C ASN B 204 -25.41 -31.24 24.09
N LYS B 205 -24.47 -31.96 24.69
CA LYS B 205 -24.09 -33.29 24.26
C LYS B 205 -23.63 -33.55 22.81
N HIS B 206 -23.51 -32.55 21.95
CA HIS B 206 -23.15 -32.80 20.56
C HIS B 206 -22.18 -31.78 19.98
N THR B 207 -22.36 -30.49 20.30
CA THR B 207 -21.54 -29.43 19.74
C THR B 207 -20.27 -29.17 20.57
N LYS B 208 -19.07 -29.33 20.00
CA LYS B 208 -17.84 -29.08 20.72
C LYS B 208 -17.60 -27.59 20.64
N VAL B 209 -16.99 -26.88 21.59
CA VAL B 209 -16.71 -25.45 21.57
C VAL B 209 -15.59 -25.26 22.57
N ALA B 210 -15.28 -24.02 23.01
CA ALA B 210 -14.39 -23.77 24.16
C ALA B 210 -15.05 -22.73 25.10
N VAL B 211 -14.51 -22.62 26.30
CA VAL B 211 -15.12 -21.88 27.35
C VAL B 211 -14.03 -21.14 28.05
N LYS B 212 -14.28 -19.87 28.24
CA LYS B 212 -13.37 -19.13 29.05
C LYS B 212 -14.09 -19.00 30.37
N THR B 213 -13.52 -19.51 31.48
CA THR B 213 -14.07 -19.28 32.80
C THR B 213 -13.41 -18.00 33.33
N MET B 214 -14.20 -16.97 33.65
CA MET B 214 -13.70 -15.70 34.16
C MET B 214 -13.88 -15.63 35.65
N LYS B 215 -12.77 -15.51 36.39
CA LYS B 215 -12.73 -15.47 37.85
C LYS B 215 -13.64 -14.44 38.49
N PRO B 216 -14.44 -14.70 39.54
CA PRO B 216 -15.57 -13.85 39.94
C PRO B 216 -15.05 -12.51 40.43
N GLY B 217 -15.75 -11.39 40.27
CA GLY B 217 -15.21 -10.10 40.70
C GLY B 217 -14.20 -9.53 39.72
N SER B 218 -13.76 -10.28 38.66
CA SER B 218 -12.89 -9.76 37.57
C SER B 218 -13.49 -8.61 36.79
N MET B 219 -14.82 -8.59 36.77
CA MET B 219 -15.59 -7.63 36.01
C MET B 219 -16.96 -7.63 36.68
N SER B 220 -17.69 -6.57 36.45
CA SER B 220 -19.03 -6.54 36.94
C SER B 220 -19.86 -7.16 35.81
N VAL B 221 -20.70 -8.19 36.04
CA VAL B 221 -21.51 -8.80 34.99
C VAL B 221 -22.16 -7.77 34.06
N GLU B 222 -22.66 -6.70 34.65
CA GLU B 222 -23.21 -5.57 33.93
C GLU B 222 -22.29 -4.97 32.87
N ALA B 223 -21.09 -4.72 33.37
CA ALA B 223 -20.02 -4.08 32.65
C ALA B 223 -19.64 -4.88 31.42
N PHE B 224 -19.49 -6.18 31.64
CA PHE B 224 -19.09 -7.10 30.60
C PHE B 224 -20.19 -7.41 29.59
N LEU B 225 -21.41 -7.79 29.98
CA LEU B 225 -22.44 -8.20 29.04
C LEU B 225 -22.68 -7.19 27.96
N ALA B 226 -22.52 -5.91 28.26
CA ALA B 226 -22.65 -4.93 27.20
C ALA B 226 -21.51 -5.05 26.22
N GLU B 227 -20.25 -5.16 26.68
CA GLU B 227 -19.09 -5.22 25.80
C GLU B 227 -19.27 -6.50 24.98
N ALA B 228 -19.83 -7.61 25.48
CA ALA B 228 -20.10 -8.78 24.64
C ALA B 228 -21.24 -8.54 23.63
N ASN B 229 -22.29 -7.77 23.95
CA ASN B 229 -23.37 -7.41 23.02
C ASN B 229 -22.75 -6.63 21.85
N VAL B 230 -21.59 -6.02 22.15
CA VAL B 230 -20.77 -5.37 21.14
C VAL B 230 -20.03 -6.48 20.41
N MET B 231 -19.16 -7.27 21.07
CA MET B 231 -18.33 -8.28 20.45
C MET B 231 -19.12 -9.18 19.53
N LYS B 232 -20.31 -9.71 19.83
CA LYS B 232 -20.99 -10.59 18.91
C LYS B 232 -21.40 -9.98 17.57
N THR B 233 -21.36 -8.65 17.45
CA THR B 233 -21.68 -7.92 16.21
C THR B 233 -20.54 -7.95 15.15
N LEU B 234 -19.31 -8.21 15.64
CA LEU B 234 -18.11 -8.26 14.84
C LEU B 234 -17.88 -9.56 14.08
N GLN B 235 -18.83 -9.88 13.20
CA GLN B 235 -18.75 -11.11 12.44
C GLN B 235 -17.81 -11.02 11.25
N HIS B 236 -16.65 -11.65 11.45
CA HIS B 236 -15.61 -11.71 10.45
C HIS B 236 -14.98 -13.09 10.47
N ASP B 237 -14.76 -13.62 9.24
CA ASP B 237 -14.10 -14.89 9.06
C ASP B 237 -12.76 -14.98 9.79
N LYS B 238 -12.04 -13.91 10.10
CA LYS B 238 -10.79 -14.05 10.84
C LYS B 238 -10.89 -13.61 12.28
N LEU B 239 -11.97 -13.87 13.01
CA LEU B 239 -12.11 -13.53 14.43
C LEU B 239 -12.98 -14.67 14.90
N VAL B 240 -12.67 -15.09 16.11
CA VAL B 240 -13.26 -16.33 16.60
C VAL B 240 -14.72 -16.10 16.98
N LYS B 241 -15.63 -16.78 16.30
CA LYS B 241 -17.03 -16.73 16.61
C LYS B 241 -17.31 -16.91 18.10
N LEU B 242 -17.76 -15.76 18.60
CA LEU B 242 -18.32 -15.62 19.95
C LEU B 242 -19.72 -16.32 20.06
N HIS B 243 -20.09 -17.19 21.02
CA HIS B 243 -21.34 -17.91 20.82
C HIS B 243 -22.56 -17.71 21.67
N ALA B 244 -22.27 -17.83 22.95
CA ALA B 244 -23.25 -17.64 23.96
C ALA B 244 -22.39 -17.26 25.14
N VAL B 245 -23.05 -17.00 26.25
CA VAL B 245 -22.39 -16.67 27.49
C VAL B 245 -23.31 -17.06 28.62
N VAL B 246 -22.64 -17.41 29.70
CA VAL B 246 -23.29 -17.79 30.93
C VAL B 246 -23.17 -16.52 31.78
N THR B 247 -24.36 -16.01 32.09
CA THR B 247 -24.58 -14.75 32.81
C THR B 247 -24.26 -14.68 34.28
N LYS B 248 -24.46 -15.77 34.98
CA LYS B 248 -24.21 -15.80 36.39
C LYS B 248 -22.73 -16.06 36.62
N GLU B 249 -22.16 -15.18 37.42
CA GLU B 249 -20.81 -15.32 37.96
C GLU B 249 -20.46 -16.76 38.44
N PRO B 250 -19.37 -17.47 38.16
CA PRO B 250 -18.27 -17.08 37.26
C PRO B 250 -18.69 -16.87 35.79
N ILE B 251 -18.26 -15.84 35.07
CA ILE B 251 -18.87 -15.66 33.77
C ILE B 251 -18.21 -16.65 32.81
N TYR B 252 -18.97 -17.36 31.96
CA TYR B 252 -18.43 -18.36 31.03
C TYR B 252 -18.76 -17.91 29.63
N ILE B 253 -17.75 -17.79 28.78
CA ILE B 253 -17.90 -17.32 27.41
C ILE B 253 -17.39 -18.42 26.47
N ILE B 254 -18.39 -18.80 25.68
CA ILE B 254 -18.30 -19.90 24.77
C ILE B 254 -18.00 -19.31 23.40
N THR B 255 -16.87 -19.74 22.83
CA THR B 255 -16.41 -19.38 21.49
C THR B 255 -16.26 -20.72 20.78
N GLU B 256 -16.19 -20.71 19.45
CA GLU B 256 -15.94 -21.93 18.67
C GLU B 256 -14.60 -22.59 18.99
N PHE B 257 -14.58 -23.93 18.78
CA PHE B 257 -13.38 -24.71 19.06
C PHE B 257 -12.34 -24.50 17.96
N MET B 258 -11.12 -24.11 18.33
CA MET B 258 -10.08 -23.89 17.35
C MET B 258 -8.94 -24.87 17.53
N ALA B 259 -9.19 -25.88 16.71
CA ALA B 259 -8.40 -27.09 16.63
C ALA B 259 -6.96 -26.97 17.02
N LYS B 260 -6.09 -26.22 16.32
CA LYS B 260 -4.69 -26.30 16.67
C LYS B 260 -4.10 -25.30 17.69
N GLY B 261 -4.92 -24.77 18.58
CA GLY B 261 -4.37 -24.01 19.68
C GLY B 261 -4.01 -22.59 19.35
N SER B 262 -3.32 -21.87 20.26
CA SER B 262 -2.99 -20.48 19.99
C SER B 262 -1.84 -20.57 19.01
N LEU B 263 -1.73 -19.53 18.16
CA LEU B 263 -0.79 -19.52 17.08
C LEU B 263 0.57 -19.80 17.67
N LEU B 264 0.80 -19.20 18.82
CA LEU B 264 2.01 -19.38 19.60
C LEU B 264 2.37 -20.82 19.88
N ASP B 265 1.41 -21.51 20.47
CA ASP B 265 1.61 -22.90 20.83
C ASP B 265 1.85 -23.65 19.55
N PHE B 266 0.99 -23.43 18.55
CA PHE B 266 1.14 -24.06 17.26
C PHE B 266 2.53 -23.78 16.70
N LEU B 267 3.10 -22.58 16.84
CA LEU B 267 4.39 -22.32 16.25
C LEU B 267 5.49 -23.08 16.94
N LYS B 268 5.44 -23.18 18.29
CA LYS B 268 6.47 -23.94 19.01
C LYS B 268 6.24 -25.47 18.83
N SER B 269 5.19 -25.98 18.16
CA SER B 269 5.05 -27.42 17.94
C SER B 269 5.95 -27.97 16.82
N ASP B 270 5.96 -29.28 16.61
CA ASP B 270 6.76 -29.82 15.54
C ASP B 270 6.13 -29.34 14.26
N GLU B 271 4.79 -29.26 14.11
CA GLU B 271 4.30 -28.91 12.78
C GLU B 271 4.70 -27.48 12.44
N GLY B 272 4.75 -26.64 13.49
CA GLY B 272 5.02 -25.21 13.42
C GLY B 272 6.33 -24.86 12.76
N SER B 273 7.32 -25.59 13.24
CA SER B 273 8.66 -25.40 12.78
C SER B 273 8.89 -25.87 11.34
N LYS B 274 8.05 -26.72 10.76
CA LYS B 274 8.25 -27.21 9.40
C LYS B 274 7.77 -26.27 8.26
N GLN B 275 7.11 -25.21 8.74
CA GLN B 275 6.41 -24.20 7.95
C GLN B 275 7.28 -23.18 7.24
N PRO B 276 7.50 -23.11 5.92
CA PRO B 276 8.30 -22.08 5.33
C PRO B 276 7.65 -20.74 5.59
N LEU B 277 8.56 -19.82 5.41
CA LEU B 277 8.30 -18.41 5.51
C LEU B 277 7.23 -17.79 4.65
N PRO B 278 6.99 -18.06 3.34
CA PRO B 278 5.72 -17.76 2.73
C PRO B 278 4.54 -18.13 3.62
N LYS B 279 4.40 -19.31 4.27
CA LYS B 279 3.22 -19.61 5.04
C LYS B 279 3.23 -18.84 6.33
N LEU B 280 4.37 -18.55 6.92
CA LEU B 280 4.29 -17.66 8.07
C LEU B 280 3.74 -16.26 7.66
N ILE B 281 4.08 -15.73 6.48
CA ILE B 281 3.59 -14.43 6.03
C ILE B 281 2.08 -14.42 5.92
N ASP B 282 1.63 -15.42 5.19
CA ASP B 282 0.23 -15.68 5.05
C ASP B 282 -0.45 -15.75 6.41
N PHE B 283 0.27 -16.12 7.46
CA PHE B 283 -0.27 -16.02 8.79
C PHE B 283 -0.45 -14.60 9.16
N SER B 284 0.65 -13.82 9.12
CA SER B 284 0.67 -12.39 9.35
C SER B 284 -0.46 -11.74 8.63
N ALA B 285 -0.64 -12.23 7.40
CA ALA B 285 -1.57 -11.66 6.47
C ALA B 285 -2.97 -11.87 7.02
N GLN B 286 -3.22 -13.14 7.35
CA GLN B 286 -4.48 -13.52 7.87
C GLN B 286 -4.78 -12.74 9.12
N ILE B 287 -3.86 -12.61 10.06
CA ILE B 287 -4.13 -11.81 11.24
C ILE B 287 -4.49 -10.34 10.94
N ALA B 288 -3.68 -9.76 10.04
CA ALA B 288 -3.80 -8.35 9.80
C ALA B 288 -5.15 -8.13 9.20
N GLU B 289 -5.63 -9.02 8.33
CA GLU B 289 -6.94 -8.97 7.69
C GLU B 289 -8.03 -8.65 8.63
N GLY B 290 -7.93 -9.27 9.79
CA GLY B 290 -8.88 -9.10 10.86
C GLY B 290 -8.83 -7.73 11.50
N MET B 291 -7.60 -7.48 11.86
CA MET B 291 -7.30 -6.21 12.39
C MET B 291 -7.87 -5.00 11.61
N ALA B 292 -7.77 -5.10 10.30
CA ALA B 292 -8.36 -4.13 9.44
C ALA B 292 -9.85 -4.12 9.69
N PHE B 293 -10.52 -5.28 9.80
CA PHE B 293 -11.96 -5.31 10.03
C PHE B 293 -12.28 -4.57 11.32
N ILE B 294 -11.39 -4.76 12.27
CA ILE B 294 -11.59 -4.17 13.57
C ILE B 294 -11.45 -2.66 13.45
N GLU B 295 -10.55 -2.24 12.56
CA GLU B 295 -10.34 -0.82 12.29
C GLU B 295 -11.52 -0.28 11.47
N GLN B 296 -12.13 -0.91 10.44
CA GLN B 296 -13.26 -0.29 9.78
C GLN B 296 -14.39 -0.18 10.80
N ARG B 297 -14.52 -1.14 11.74
CA ARG B 297 -15.56 -1.11 12.74
C ARG B 297 -15.15 -0.32 13.98
N ASN B 298 -14.12 0.51 13.85
CA ASN B 298 -13.62 1.43 14.86
C ASN B 298 -13.23 0.84 16.21
N TYR B 299 -13.27 -0.47 16.35
CA TYR B 299 -13.06 -1.05 17.64
C TYR B 299 -11.59 -1.20 17.88
N ILE B 300 -11.22 -1.57 19.08
CA ILE B 300 -9.84 -1.84 19.37
C ILE B 300 -9.86 -3.27 19.91
N HIS B 301 -8.76 -4.01 19.89
CA HIS B 301 -8.62 -5.29 20.56
C HIS B 301 -7.43 -4.89 21.38
N ARG B 302 -7.73 -4.44 22.59
CA ARG B 302 -6.78 -3.83 23.48
C ARG B 302 -5.52 -4.62 23.85
N ASP B 303 -5.21 -5.78 23.27
CA ASP B 303 -4.04 -6.56 23.60
C ASP B 303 -3.80 -7.39 22.37
N LEU B 304 -2.56 -7.63 21.91
CA LEU B 304 -2.39 -8.48 20.75
C LEU B 304 -1.15 -9.40 20.77
N ARG B 305 -1.27 -10.73 20.81
CA ARG B 305 -0.09 -11.59 20.75
C ARG B 305 -0.46 -12.89 20.12
N ALA B 306 0.52 -13.72 19.82
CA ALA B 306 0.24 -14.99 19.18
C ALA B 306 -0.69 -15.87 19.98
N ALA B 307 -0.57 -15.55 21.26
CA ALA B 307 -1.41 -16.12 22.28
C ALA B 307 -2.90 -15.83 22.07
N ASN B 308 -3.30 -14.66 21.57
CA ASN B 308 -4.72 -14.43 21.38
C ASN B 308 -5.19 -14.59 19.95
N ILE B 309 -4.39 -15.41 19.25
CA ILE B 309 -4.57 -15.81 17.86
C ILE B 309 -4.61 -17.27 18.04
N LEU B 310 -5.57 -17.88 17.41
CA LEU B 310 -5.79 -19.31 17.49
C LEU B 310 -5.75 -19.91 16.10
N VAL B 311 -5.51 -21.20 15.85
CA VAL B 311 -5.45 -21.72 14.48
C VAL B 311 -6.50 -22.83 14.23
N SER B 312 -7.28 -22.73 13.15
CA SER B 312 -8.30 -23.69 12.86
C SER B 312 -7.58 -24.97 12.46
N ALA B 313 -8.43 -26.00 12.32
CA ALA B 313 -7.96 -27.29 11.82
C ALA B 313 -7.26 -27.07 10.51
N SER B 314 -7.90 -26.29 9.62
CA SER B 314 -7.45 -25.97 8.27
C SER B 314 -6.33 -24.95 8.10
N LEU B 315 -5.77 -24.40 9.22
CA LEU B 315 -4.64 -23.47 9.25
C LEU B 315 -5.00 -22.03 8.97
N VAL B 316 -6.15 -21.74 9.51
CA VAL B 316 -6.75 -20.42 9.37
C VAL B 316 -6.64 -19.79 10.74
N CYS B 317 -5.94 -18.65 10.86
CA CYS B 317 -5.75 -17.98 12.15
C CYS B 317 -6.94 -17.09 12.42
N LYS B 318 -7.36 -17.00 13.69
CA LYS B 318 -8.47 -16.15 14.10
C LYS B 318 -8.04 -15.60 15.44
N ILE B 319 -8.43 -14.36 15.56
CA ILE B 319 -8.18 -13.53 16.72
C ILE B 319 -9.20 -13.89 17.82
N ALA B 320 -8.89 -13.70 19.12
CA ALA B 320 -9.76 -14.02 20.25
C ALA B 320 -9.70 -12.99 21.36
N ASP B 321 -10.65 -12.99 22.33
CA ASP B 321 -10.66 -12.11 23.52
C ASP B 321 -10.46 -10.64 23.13
N PHE B 322 -11.41 -10.08 22.39
CA PHE B 322 -11.10 -8.83 21.73
C PHE B 322 -11.32 -7.74 22.74
N GLY B 323 -12.54 -7.43 23.11
CA GLY B 323 -12.72 -6.41 24.10
C GLY B 323 -12.53 -7.05 25.45
N LEU B 324 -11.52 -6.60 26.17
CA LEU B 324 -11.28 -7.09 27.49
C LEU B 324 -11.18 -5.89 28.43
N ALA B 325 -12.34 -5.66 29.04
CA ALA B 325 -12.53 -4.66 30.09
C ALA B 325 -12.66 -5.47 31.40
N ARG B 326 -11.61 -5.42 32.21
CA ARG B 326 -11.48 -6.16 33.46
C ARG B 326 -11.27 -5.17 34.62
N VAL B 327 -10.86 -5.58 35.85
CA VAL B 327 -10.53 -4.68 36.96
C VAL B 327 -9.34 -5.17 37.86
N GLY B 328 -8.12 -4.57 37.92
CA GLY B 328 -6.99 -5.02 38.77
C GLY B 328 -5.85 -4.01 39.03
N ALA B 329 2.59 -7.06 36.27
CA ALA B 329 3.35 -8.14 36.88
C ALA B 329 3.87 -9.15 35.85
N LYS B 330 2.93 -9.78 35.17
CA LYS B 330 3.18 -10.62 33.99
C LYS B 330 2.23 -10.08 32.92
N PHE B 331 1.91 -8.78 33.08
CA PHE B 331 0.97 -8.05 32.24
C PHE B 331 1.67 -7.70 30.91
N PRO B 332 1.01 -7.58 29.74
CA PRO B 332 1.63 -7.54 28.41
C PRO B 332 2.81 -6.65 28.00
N ILE B 333 3.44 -5.81 28.81
CA ILE B 333 4.61 -4.99 28.47
C ILE B 333 5.29 -4.97 27.08
N LYS B 334 5.91 -6.10 26.72
CA LYS B 334 6.68 -6.24 25.50
C LYS B 334 5.84 -6.10 24.23
N TRP B 335 4.53 -6.38 24.34
CA TRP B 335 3.53 -6.29 23.27
C TRP B 335 2.77 -4.97 23.40
N THR B 336 3.29 -4.02 24.18
CA THR B 336 2.59 -2.75 24.35
C THR B 336 3.49 -1.61 23.83
N ALA B 337 2.68 -0.70 23.29
CA ALA B 337 3.10 0.56 22.72
C ALA B 337 3.48 1.52 23.83
N PRO B 338 4.56 2.33 23.78
CA PRO B 338 4.89 3.40 24.73
C PRO B 338 3.73 4.25 25.25
N GLU B 339 2.76 4.77 24.48
CA GLU B 339 1.71 5.62 25.05
C GLU B 339 0.62 4.93 25.80
N ALA B 340 0.50 3.63 25.56
CA ALA B 340 -0.48 2.80 26.24
C ALA B 340 0.01 2.59 27.64
N ILE B 341 1.30 2.20 27.71
CA ILE B 341 2.04 1.95 28.95
C ILE B 341 1.95 3.16 29.89
N ASN B 342 2.64 4.24 29.53
CA ASN B 342 2.77 5.40 30.37
C ASN B 342 1.48 6.15 30.65
N PHE B 343 0.40 6.05 29.87
CA PHE B 343 -0.78 6.88 30.13
C PHE B 343 -2.15 6.21 30.00
N GLY B 344 -2.25 4.89 29.82
CA GLY B 344 -3.53 4.20 29.66
C GLY B 344 -4.26 4.51 28.35
N SER B 345 -3.55 5.20 27.44
CA SER B 345 -4.09 5.67 26.18
C SER B 345 -3.99 4.49 25.21
N PHE B 346 -5.12 3.90 24.79
CA PHE B 346 -5.10 2.79 23.86
C PHE B 346 -5.80 3.23 22.56
N THR B 347 -5.46 2.70 21.40
CA THR B 347 -6.02 3.08 20.12
C THR B 347 -5.73 1.96 19.17
N ILE B 348 -6.31 2.07 17.97
CA ILE B 348 -6.01 1.11 16.90
C ILE B 348 -4.51 1.13 16.62
N LYS B 349 -3.96 2.30 16.90
CA LYS B 349 -2.56 2.58 16.77
C LYS B 349 -1.77 1.79 17.74
N SER B 350 -2.31 1.58 18.91
CA SER B 350 -1.57 0.77 19.85
C SER B 350 -1.49 -0.57 19.16
N ASP B 351 -2.63 -1.07 18.68
CA ASP B 351 -2.62 -2.41 18.15
C ASP B 351 -1.74 -2.59 16.93
N VAL B 352 -1.35 -1.52 16.25
CA VAL B 352 -0.43 -1.68 15.15
C VAL B 352 0.94 -1.96 15.76
N TRP B 353 1.28 -1.22 16.82
CA TRP B 353 2.52 -1.46 17.49
C TRP B 353 2.61 -2.94 17.82
N SER B 354 1.51 -3.37 18.46
CA SER B 354 1.38 -4.72 18.94
C SER B 354 1.55 -5.69 17.80
N PHE B 355 0.87 -5.36 16.73
CA PHE B 355 0.93 -6.21 15.60
C PHE B 355 2.40 -6.43 15.13
N GLY B 356 3.28 -5.43 15.15
CA GLY B 356 4.64 -5.60 14.65
C GLY B 356 5.45 -6.65 15.40
N ILE B 357 5.23 -6.56 16.69
CA ILE B 357 5.82 -7.42 17.69
C ILE B 357 5.33 -8.85 17.43
N LEU B 358 4.03 -8.98 17.09
CA LEU B 358 3.44 -10.27 16.71
C LEU B 358 4.11 -10.72 15.43
N LEU B 359 4.23 -9.97 14.33
CA LEU B 359 4.96 -10.45 13.16
C LEU B 359 6.32 -10.94 13.52
N MET B 360 6.87 -10.23 14.51
CA MET B 360 8.13 -10.55 15.11
C MET B 360 8.00 -11.91 15.73
N GLU B 361 7.05 -12.14 16.63
CA GLU B 361 6.88 -13.44 17.22
C GLU B 361 6.62 -14.48 16.16
N ILE B 362 5.98 -14.15 15.05
CA ILE B 362 5.73 -15.18 14.09
C ILE B 362 7.04 -15.60 13.47
N VAL B 363 7.81 -14.71 12.89
CA VAL B 363 9.01 -15.10 12.16
C VAL B 363 10.03 -15.79 13.06
N THR B 364 9.97 -15.46 14.37
CA THR B 364 10.90 -16.00 15.34
C THR B 364 10.55 -17.44 15.75
N TYR B 365 9.38 -17.89 15.24
CA TYR B 365 8.72 -19.16 15.52
C TYR B 365 8.49 -19.34 17.00
N GLY B 366 7.85 -18.30 17.50
CA GLY B 366 7.44 -18.26 18.88
C GLY B 366 8.45 -17.59 19.79
N ARG B 367 9.73 -17.50 19.40
CA ARG B 367 10.75 -16.90 20.25
C ARG B 367 10.27 -15.52 20.68
N ILE B 368 9.89 -15.52 21.95
CA ILE B 368 9.27 -14.37 22.57
C ILE B 368 10.12 -13.09 22.52
N PRO B 369 9.48 -11.92 22.55
CA PRO B 369 10.13 -10.62 22.50
C PRO B 369 11.19 -10.22 23.50
N TYR B 370 12.23 -9.65 22.90
CA TYR B 370 13.38 -9.05 23.55
C TYR B 370 14.15 -10.06 24.44
N PRO B 371 14.93 -11.04 23.91
CA PRO B 371 15.67 -12.06 24.68
C PRO B 371 16.53 -11.63 25.86
N GLY B 372 16.22 -12.09 27.07
CA GLY B 372 17.03 -11.81 28.27
C GLY B 372 16.61 -10.55 29.03
N MET B 373 16.15 -9.58 28.24
CA MET B 373 15.62 -8.35 28.76
C MET B 373 14.40 -8.73 29.55
N SER B 374 14.11 -7.91 30.54
CA SER B 374 12.95 -8.18 31.32
C SER B 374 12.47 -6.86 31.85
N ASN B 375 11.24 -6.82 31.37
CA ASN B 375 10.22 -5.83 31.55
C ASN B 375 10.65 -4.41 31.93
N PRO B 376 11.29 -3.90 33.00
CA PRO B 376 11.85 -2.54 32.99
C PRO B 376 13.04 -2.37 32.07
N GLU B 377 13.90 -3.37 31.82
CA GLU B 377 15.08 -3.21 30.96
C GLU B 377 14.74 -2.55 29.61
N VAL B 378 13.52 -2.82 29.18
CA VAL B 378 13.05 -2.25 27.95
C VAL B 378 12.60 -0.80 28.14
N ILE B 379 12.06 -0.27 29.26
CA ILE B 379 11.60 1.14 29.30
C ILE B 379 12.73 2.13 29.06
N ARG B 380 13.94 1.73 29.49
CA ARG B 380 15.14 2.50 29.26
C ARG B 380 15.38 2.43 27.76
N ALA B 381 15.25 1.25 27.14
CA ALA B 381 15.41 1.10 25.70
C ALA B 381 14.38 1.90 24.90
N LEU B 382 13.08 1.91 25.21
CA LEU B 382 12.10 2.71 24.46
C LEU B 382 12.27 4.20 24.70
N GLU B 383 12.70 4.63 25.90
CA GLU B 383 13.07 6.02 26.16
C GLU B 383 14.26 6.32 25.21
N ARG B 384 15.21 5.39 24.99
CA ARG B 384 16.30 5.62 24.03
C ARG B 384 16.04 5.12 22.60
N GLY B 385 14.80 4.77 22.24
CA GLY B 385 14.40 4.40 20.88
C GLY B 385 14.96 3.09 20.27
N TYR B 386 15.35 2.07 21.05
CA TYR B 386 15.86 0.81 20.50
C TYR B 386 14.72 -0.11 20.08
N ARG B 387 15.00 -0.97 19.10
CA ARG B 387 14.10 -1.98 18.60
C ARG B 387 14.95 -3.18 18.31
N MET B 388 14.35 -4.35 18.47
CA MET B 388 15.11 -5.58 18.39
C MET B 388 15.46 -5.87 16.95
N PRO B 389 16.60 -6.48 16.63
CA PRO B 389 17.24 -6.45 15.30
C PRO B 389 16.58 -7.34 14.27
N ARG B 390 17.12 -7.48 13.05
CA ARG B 390 16.54 -8.40 12.06
C ARG B 390 17.01 -9.87 12.27
N PRO B 391 16.06 -10.78 12.54
CA PRO B 391 16.26 -12.23 12.53
C PRO B 391 16.92 -12.65 11.24
N GLU B 392 18.00 -13.38 11.14
CA GLU B 392 18.63 -13.70 9.87
C GLU B 392 17.70 -14.39 8.84
N ASN B 393 16.65 -15.09 9.26
CA ASN B 393 15.72 -15.81 8.37
C ASN B 393 14.64 -14.90 7.72
N CYS B 394 14.56 -13.67 8.25
CA CYS B 394 13.58 -12.65 7.87
C CYS B 394 13.98 -11.94 6.59
N PRO B 395 13.07 -11.49 5.72
CA PRO B 395 13.43 -10.68 4.57
C PRO B 395 13.46 -9.22 5.03
N GLU B 396 14.26 -8.38 4.33
CA GLU B 396 14.32 -6.97 4.72
C GLU B 396 12.93 -6.31 4.71
N GLU B 397 12.16 -6.47 3.64
CA GLU B 397 10.90 -5.80 3.49
C GLU B 397 9.92 -6.05 4.63
N LEU B 398 9.94 -7.18 5.30
CA LEU B 398 8.96 -7.42 6.35
C LEU B 398 9.51 -6.77 7.58
N TYR B 399 10.85 -6.79 7.77
CA TYR B 399 11.41 -6.19 8.96
C TYR B 399 10.82 -4.78 9.05
N ASN B 400 10.98 -4.16 7.89
CA ASN B 400 10.52 -2.82 7.65
C ASN B 400 9.09 -2.65 8.13
N ILE B 401 8.18 -3.58 7.83
CA ILE B 401 6.81 -3.48 8.29
C ILE B 401 6.73 -3.55 9.82
N MET B 402 7.60 -4.30 10.48
CA MET B 402 7.63 -4.36 11.93
C MET B 402 7.98 -3.01 12.46
N MET B 403 9.03 -2.57 11.78
CA MET B 403 9.68 -1.34 12.09
C MET B 403 8.76 -0.15 11.90
N ARG B 404 7.90 -0.09 10.90
CA ARG B 404 7.07 1.08 10.78
C ARG B 404 5.96 1.05 11.81
N CYS B 405 5.71 -0.07 12.48
CA CYS B 405 4.71 -0.07 13.55
C CYS B 405 5.31 0.59 14.80
N TRP B 406 6.63 0.40 14.89
CA TRP B 406 7.46 0.82 15.98
C TRP B 406 7.98 2.21 15.70
N LYS B 407 6.96 3.03 15.66
CA LYS B 407 7.04 4.45 15.36
C LYS B 407 6.50 5.05 16.65
N ASN B 408 7.15 6.08 17.20
CA ASN B 408 6.63 6.65 18.42
C ASN B 408 5.41 7.50 18.23
N ARG B 409 5.31 8.22 17.11
CA ARG B 409 4.12 9.03 16.85
C ARG B 409 3.08 8.08 16.21
N PRO B 410 2.00 7.75 16.90
CA PRO B 410 0.90 6.89 16.42
C PRO B 410 0.37 7.29 15.07
N GLU B 411 0.35 8.60 14.90
CA GLU B 411 -0.15 9.24 13.73
C GLU B 411 0.53 8.73 12.47
N GLU B 412 1.80 8.30 12.54
CA GLU B 412 2.47 7.88 11.33
C GLU B 412 2.92 6.41 11.34
N ARG B 413 1.98 5.63 11.82
CA ARG B 413 2.06 4.16 11.86
C ARG B 413 1.06 3.69 10.82
N PRO B 414 1.31 2.59 10.13
CA PRO B 414 0.58 2.28 8.93
C PRO B 414 -0.88 1.96 9.25
N THR B 415 -1.90 2.00 8.42
CA THR B 415 -3.20 1.49 8.86
C THR B 415 -3.18 -0.04 8.86
N PHE B 416 -4.13 -0.79 9.45
CA PHE B 416 -4.13 -2.23 9.20
C PHE B 416 -4.39 -2.47 7.74
N GLU B 417 -5.15 -1.54 7.11
CA GLU B 417 -5.49 -1.50 5.69
C GLU B 417 -4.18 -1.50 4.91
N TYR B 418 -3.12 -0.72 5.24
CA TYR B 418 -1.90 -0.78 4.45
C TYR B 418 -1.36 -2.16 4.71
N ILE B 419 -1.35 -2.66 5.95
CA ILE B 419 -0.60 -3.87 6.13
C ILE B 419 -1.34 -5.05 5.51
N GLN B 420 -2.68 -5.07 5.42
CA GLN B 420 -3.41 -6.18 4.78
C GLN B 420 -2.96 -6.14 3.35
N SER B 421 -2.92 -4.89 2.80
CA SER B 421 -2.45 -4.66 1.44
C SER B 421 -1.01 -5.08 1.20
N VAL B 422 -0.03 -4.78 2.04
CA VAL B 422 1.31 -5.17 1.73
C VAL B 422 1.51 -6.69 1.78
N LEU B 423 1.08 -7.22 2.91
CA LEU B 423 1.31 -8.61 3.24
C LEU B 423 0.53 -9.55 2.33
N ASP B 424 -0.75 -9.28 2.02
CA ASP B 424 -1.48 -10.12 1.11
C ASP B 424 -0.67 -10.27 -0.15
N ASP B 425 -0.29 -9.19 -0.81
CA ASP B 425 0.39 -9.34 -2.07
C ASP B 425 1.90 -9.14 -2.04
N PHE B 426 2.42 -9.52 -0.92
CA PHE B 426 3.85 -9.54 -0.67
C PHE B 426 4.71 -10.18 -1.78
N TYR B 427 4.31 -11.28 -2.36
CA TYR B 427 5.14 -11.93 -3.35
C TYR B 427 4.62 -11.58 -4.73
N THR B 428 3.62 -10.73 -4.84
CA THR B 428 3.08 -10.48 -6.16
C THR B 428 3.24 -9.01 -6.51
N ALA B 429 3.83 -8.83 -7.69
CA ALA B 429 3.97 -7.49 -8.19
C ALA B 429 2.53 -6.97 -8.36
N THR B 430 2.12 -5.74 -7.98
CA THR B 430 0.75 -5.28 -8.17
C THR B 430 0.24 -5.57 -9.57
N GLU B 431 0.94 -5.27 -10.66
CA GLU B 431 0.48 -5.52 -12.03
C GLU B 431 0.12 -6.97 -12.30
N SER B 432 0.66 -7.90 -11.50
CA SER B 432 0.51 -9.30 -11.75
C SER B 432 -0.72 -9.85 -11.12
N GLN B 433 -1.29 -9.19 -10.11
CA GLN B 433 -2.49 -9.68 -9.47
C GLN B 433 -3.46 -10.43 -10.40
N GLN B 435 -4.24 -11.33 -14.33
CA GLN B 435 -3.67 -11.65 -15.61
C GLN B 435 -4.20 -10.70 -16.71
N GLN B 436 -3.34 -10.22 -17.64
CA GLN B 436 -3.86 -9.44 -18.75
C GLN B 436 -4.36 -10.51 -19.70
N GLN B 437 -5.51 -10.06 -20.22
CA GLN B 437 -6.44 -10.69 -21.18
C GLN B 437 -5.95 -11.35 -22.48
N PRO B 438 -6.19 -12.65 -22.72
CA PRO B 438 -5.84 -13.35 -23.98
C PRO B 438 -6.66 -13.12 -25.30
#